data_4DKZ
# 
_entry.id   4DKZ 
# 
_audit_conform.dict_name       mmcif_pdbx.dic 
_audit_conform.dict_version    5.387 
_audit_conform.dict_location   http://mmcif.pdb.org/dictionaries/ascii/mmcif_pdbx.dic 
# 
loop_
_database_2.database_id 
_database_2.database_code 
_database_2.pdbx_database_accession 
_database_2.pdbx_DOI 
PDB   4DKZ         pdb_00004dkz 10.2210/pdb4dkz/pdb 
NDB   NA1578       ?            ?                   
RCSB  RCSB070460   ?            ?                   
WWPDB D_1000070460 ?            ?                   
# 
loop_
_pdbx_audit_revision_history.ordinal 
_pdbx_audit_revision_history.data_content_type 
_pdbx_audit_revision_history.major_revision 
_pdbx_audit_revision_history.minor_revision 
_pdbx_audit_revision_history.revision_date 
1 'Structure model' 1 0 2012-03-28 
2 'Structure model' 1 1 2012-04-04 
3 'Structure model' 1 2 2012-04-18 
4 'Structure model' 1 3 2024-02-28 
# 
_pdbx_audit_revision_details.ordinal             1 
_pdbx_audit_revision_details.revision_ordinal    1 
_pdbx_audit_revision_details.data_content_type   'Structure model' 
_pdbx_audit_revision_details.provider            repository 
_pdbx_audit_revision_details.type                'Initial release' 
_pdbx_audit_revision_details.description         ? 
_pdbx_audit_revision_details.details             ? 
# 
loop_
_pdbx_audit_revision_group.ordinal 
_pdbx_audit_revision_group.revision_ordinal 
_pdbx_audit_revision_group.data_content_type 
_pdbx_audit_revision_group.group 
1 2 'Structure model' 'Derived calculations' 
2 3 'Structure model' 'Database references'  
3 4 'Structure model' 'Data collection'      
4 4 'Structure model' 'Database references'  
5 4 'Structure model' 'Derived calculations' 
# 
loop_
_pdbx_audit_revision_category.ordinal 
_pdbx_audit_revision_category.revision_ordinal 
_pdbx_audit_revision_category.data_content_type 
_pdbx_audit_revision_category.category 
1 4 'Structure model' chem_comp_atom 
2 4 'Structure model' chem_comp_bond 
3 4 'Structure model' database_2     
4 4 'Structure model' struct_conn    
# 
loop_
_pdbx_audit_revision_item.ordinal 
_pdbx_audit_revision_item.revision_ordinal 
_pdbx_audit_revision_item.data_content_type 
_pdbx_audit_revision_item.item 
1 4 'Structure model' '_database_2.pdbx_DOI'                
2 4 'Structure model' '_database_2.pdbx_database_accession' 
3 4 'Structure model' '_struct_conn.pdbx_leaving_atom_flag' 
# 
_pdbx_database_status.status_code                     REL 
_pdbx_database_status.entry_id                        4DKZ 
_pdbx_database_status.recvd_initial_deposition_date   2012-02-05 
_pdbx_database_status.deposit_site                    RCSB 
_pdbx_database_status.process_site                    RCSB 
_pdbx_database_status.status_code_sf                  REL 
_pdbx_database_status.status_code_mr                  ? 
_pdbx_database_status.SG_entry                        ? 
_pdbx_database_status.status_code_cs                  ? 
_pdbx_database_status.methods_development_category    ? 
_pdbx_database_status.pdb_format_compatible           Y 
_pdbx_database_status.status_code_nmr_data            ? 
# 
loop_
_audit_author.name 
_audit_author.pdbx_ordinal 
'Egli, M.'     1 
'Pallan, P.S.' 2 
# 
_citation.id                        primary 
_citation.title                     
;The Conformationally Constrained N-Methanocarba-dT Analogue Adopts an Unexpected C4'-exo Sugar Pucker in the Structure of a DNA Hairpin.
;
_citation.journal_abbrev            Biochemistry 
_citation.journal_volume            51 
_citation.page_first                2639 
_citation.page_last                 2641 
_citation.year                      2012 
_citation.journal_id_ASTM           BICHAW 
_citation.country                   US 
_citation.journal_id_ISSN           0006-2960 
_citation.journal_id_CSD            0033 
_citation.book_publisher            ? 
_citation.pdbx_database_id_PubMed   22409313 
_citation.pdbx_database_id_DOI      10.1021/bi300215k 
# 
loop_
_citation_author.citation_id 
_citation_author.name 
_citation_author.ordinal 
_citation_author.identifier_ORCID 
primary 'Pallan, P.S.'  1 ? 
primary 'Marquez, V.E.' 2 ? 
primary 'Egli, M.'      3 ? 
# 
loop_
_entity.id 
_entity.type 
_entity.src_method 
_entity.pdbx_description 
_entity.formula_weight 
_entity.pdbx_number_of_molecules 
_entity.pdbx_ec 
_entity.pdbx_mutation 
_entity.pdbx_fragment 
_entity.details 
1 polymer syn 
;Synthetic DNA dodecamer containg North-methanocarba-2'-deoxythymidine (N-MCdT)
;
3683.468 2  ? ? ? ? 
2 water   nat water                                                                            18.015   63 ? ? ? ? 
# 
_entity_poly.entity_id                      1 
_entity_poly.type                           polydeoxyribonucleotide 
_entity_poly.nstd_linkage                   no 
_entity_poly.nstd_monomer                   yes 
_entity_poly.pdbx_seq_one_letter_code       '(DC)(DG)(DC)(DG)(DA)(DA)(0KZ)(0KZ)(DC)(DG)(DC)(DG)' 
_entity_poly.pdbx_seq_one_letter_code_can   CGCGAAXXCGCG 
_entity_poly.pdbx_strand_id                 A,B 
_entity_poly.pdbx_target_identifier         ? 
# 
_pdbx_entity_nonpoly.entity_id   2 
_pdbx_entity_nonpoly.name        water 
_pdbx_entity_nonpoly.comp_id     HOH 
# 
loop_
_entity_poly_seq.entity_id 
_entity_poly_seq.num 
_entity_poly_seq.mon_id 
_entity_poly_seq.hetero 
1 1  DC  n 
1 2  DG  n 
1 3  DC  n 
1 4  DG  n 
1 5  DA  n 
1 6  DA  n 
1 7  0KZ n 
1 8  0KZ n 
1 9  DC  n 
1 10 DG  n 
1 11 DC  n 
1 12 DG  n 
# 
_pdbx_entity_src_syn.entity_id              1 
_pdbx_entity_src_syn.pdbx_src_id            1 
_pdbx_entity_src_syn.pdbx_alt_source_flag   sample 
_pdbx_entity_src_syn.pdbx_beg_seq_num       ? 
_pdbx_entity_src_syn.pdbx_end_seq_num       ? 
_pdbx_entity_src_syn.organism_scientific    ? 
_pdbx_entity_src_syn.organism_common_name   ? 
_pdbx_entity_src_syn.ncbi_taxonomy_id       ? 
_pdbx_entity_src_syn.details                'Chemically synthesized nucleic acid dodecamer' 
# 
loop_
_chem_comp.id 
_chem_comp.type 
_chem_comp.mon_nstd_flag 
_chem_comp.name 
_chem_comp.pdbx_synonyms 
_chem_comp.formula 
_chem_comp.formula_weight 
0KZ 'DNA linking' . 
'[(1R,2S,4S,5S)-2-hydroxy-4-(5-methyl-2,4-dioxo-3,4-dihydropyrimidin-1(2H)-yl)bicyclo[3.1.0]hex-1-yl]methyl dihydrogen phosphate' 
;2'-exo-methanocarba-thymidine monophosphate; North-methanocarba-thymidine monophosphate
;
'C12 H17 N2 O7 P' 332.246 
DA  'DNA linking' y "2'-DEOXYADENOSINE-5'-MONOPHOSPHATE" ? 'C10 H14 N5 O6 P' 331.222 
DC  'DNA linking' y "2'-DEOXYCYTIDINE-5'-MONOPHOSPHATE" ? 'C9 H14 N3 O7 P'  307.197 
DG  'DNA linking' y "2'-DEOXYGUANOSINE-5'-MONOPHOSPHATE" ? 'C10 H14 N5 O7 P' 347.221 
HOH non-polymer   . WATER ?                                                                                         'H2 O' 18.015  
# 
loop_
_pdbx_poly_seq_scheme.asym_id 
_pdbx_poly_seq_scheme.entity_id 
_pdbx_poly_seq_scheme.seq_id 
_pdbx_poly_seq_scheme.mon_id 
_pdbx_poly_seq_scheme.ndb_seq_num 
_pdbx_poly_seq_scheme.pdb_seq_num 
_pdbx_poly_seq_scheme.auth_seq_num 
_pdbx_poly_seq_scheme.pdb_mon_id 
_pdbx_poly_seq_scheme.auth_mon_id 
_pdbx_poly_seq_scheme.pdb_strand_id 
_pdbx_poly_seq_scheme.pdb_ins_code 
_pdbx_poly_seq_scheme.hetero 
A 1 1  DC  1  101 101 DC  CYT A . n 
A 1 2  DG  2  102 102 DG  GUA A . n 
A 1 3  DC  3  103 103 DC  CYT A . n 
A 1 4  DG  4  104 104 DG  GUA A . n 
A 1 5  DA  5  105 105 DA  ADE A . n 
A 1 6  DA  6  106 106 DA  ADE A . n 
A 1 7  0KZ 7  107 107 0KZ NC2 A . n 
A 1 8  0KZ 8  108 108 0KZ NC2 A . n 
A 1 9  DC  9  109 109 DC  CYT A . n 
A 1 10 DG  10 110 110 DG  GUA A . n 
A 1 11 DC  11 111 111 DC  CYT A . n 
A 1 12 DG  12 112 112 DG  GUA A . n 
B 1 1  DC  1  201 201 DC  CYT B . n 
B 1 2  DG  2  202 202 DG  GUA B . n 
B 1 3  DC  3  203 203 DC  CYT B . n 
B 1 4  DG  4  204 204 DG  GUA B . n 
B 1 5  DA  5  205 205 DA  ADE B . n 
B 1 6  DA  6  206 206 DA  ADE B . n 
B 1 7  0KZ 7  207 207 0KZ NC2 B . n 
B 1 8  0KZ 8  208 208 0KZ NC2 B . n 
B 1 9  DC  9  209 209 DC  CYT B . n 
B 1 10 DG  10 210 210 DG  GUA B . n 
B 1 11 DC  11 211 211 DC  CYT B . n 
B 1 12 DG  12 212 212 DG  GUA B . n 
# 
loop_
_pdbx_nonpoly_scheme.asym_id 
_pdbx_nonpoly_scheme.entity_id 
_pdbx_nonpoly_scheme.mon_id 
_pdbx_nonpoly_scheme.ndb_seq_num 
_pdbx_nonpoly_scheme.pdb_seq_num 
_pdbx_nonpoly_scheme.auth_seq_num 
_pdbx_nonpoly_scheme.pdb_mon_id 
_pdbx_nonpoly_scheme.auth_mon_id 
_pdbx_nonpoly_scheme.pdb_strand_id 
_pdbx_nonpoly_scheme.pdb_ins_code 
C 2 HOH 1  201 4  HOH HOH A . 
C 2 HOH 2  202 5  HOH HOH A . 
C 2 HOH 3  203 10 HOH HOH A . 
C 2 HOH 4  204 11 HOH HOH A . 
C 2 HOH 5  205 12 HOH HOH A . 
C 2 HOH 6  206 15 HOH HOH A . 
C 2 HOH 7  207 16 HOH HOH A . 
C 2 HOH 8  208 17 HOH HOH A . 
C 2 HOH 9  209 18 HOH HOH A . 
C 2 HOH 10 210 22 HOH HOH A . 
C 2 HOH 11 211 23 HOH HOH A . 
C 2 HOH 12 212 24 HOH HOH A . 
C 2 HOH 13 213 25 HOH HOH A . 
C 2 HOH 14 214 28 HOH HOH A . 
C 2 HOH 15 215 30 HOH HOH A . 
C 2 HOH 16 216 34 HOH HOH A . 
C 2 HOH 17 217 35 HOH HOH A . 
C 2 HOH 18 218 46 HOH HOH A . 
C 2 HOH 19 219 47 HOH HOH A . 
C 2 HOH 20 220 51 HOH HOH A . 
C 2 HOH 21 221 54 HOH HOH A . 
C 2 HOH 22 222 56 HOH HOH A . 
C 2 HOH 23 223 57 HOH HOH A . 
C 2 HOH 24 224 58 HOH HOH A . 
C 2 HOH 25 225 59 HOH HOH A . 
C 2 HOH 26 226 60 HOH HOH A . 
C 2 HOH 27 227 61 HOH HOH A . 
C 2 HOH 28 228 64 HOH HOH A . 
C 2 HOH 29 229 8  HOH HOH A . 
D 2 HOH 1  301 1  HOH HOH B . 
D 2 HOH 2  302 2  HOH HOH B . 
D 2 HOH 3  303 3  HOH HOH B . 
D 2 HOH 4  304 6  HOH HOH B . 
D 2 HOH 5  305 7  HOH HOH B . 
D 2 HOH 6  306 9  HOH HOH B . 
D 2 HOH 7  307 13 HOH HOH B . 
D 2 HOH 8  308 14 HOH HOH B . 
D 2 HOH 9  309 19 HOH HOH B . 
D 2 HOH 10 310 20 HOH HOH B . 
D 2 HOH 11 311 21 HOH HOH B . 
D 2 HOH 12 312 26 HOH HOH B . 
D 2 HOH 13 313 27 HOH HOH B . 
D 2 HOH 14 314 29 HOH HOH B . 
D 2 HOH 15 315 31 HOH HOH B . 
D 2 HOH 16 316 32 HOH HOH B . 
D 2 HOH 17 317 33 HOH HOH B . 
D 2 HOH 18 318 36 HOH HOH B . 
D 2 HOH 19 319 37 HOH HOH B . 
D 2 HOH 20 320 38 HOH HOH B . 
D 2 HOH 21 321 39 HOH HOH B . 
D 2 HOH 22 322 41 HOH HOH B . 
D 2 HOH 23 323 42 HOH HOH B . 
D 2 HOH 24 324 43 HOH HOH B . 
D 2 HOH 25 325 44 HOH HOH B . 
D 2 HOH 26 326 45 HOH HOH B . 
D 2 HOH 27 327 48 HOH HOH B . 
D 2 HOH 28 328 49 HOH HOH B . 
D 2 HOH 29 329 50 HOH HOH B . 
D 2 HOH 30 330 52 HOH HOH B . 
D 2 HOH 31 331 53 HOH HOH B . 
D 2 HOH 32 332 55 HOH HOH B . 
D 2 HOH 33 333 62 HOH HOH B . 
D 2 HOH 34 334 63 HOH HOH B . 
# 
loop_
_software.name 
_software.classification 
_software.version 
_software.citation_id 
_software.pdbx_ordinal 
MD2      'data collection' 'diffractometer software from EMBL (with LS-CAT developed extensions)' ? 1 
CNS      refinement        .                                                                      ? 2 
HKL-2000 'data reduction'  .                                                                      ? 3 
HKL-2000 'data scaling'    .                                                                      ? 4 
CNS      phasing           .                                                                      ? 5 
# 
_cell.entry_id           4DKZ 
_cell.length_a           24.300 
_cell.length_b           35.280 
_cell.length_c           36.710 
_cell.angle_alpha        90.00 
_cell.angle_beta         92.84 
_cell.angle_gamma        90.00 
_cell.Z_PDB              4 
_cell.pdbx_unique_axis   ? 
_cell.length_a_esd       ? 
_cell.length_b_esd       ? 
_cell.length_c_esd       ? 
_cell.angle_alpha_esd    ? 
_cell.angle_beta_esd     ? 
_cell.angle_gamma_esd    ? 
# 
_symmetry.entry_id                         4DKZ 
_symmetry.space_group_name_H-M             'P 1 21 1' 
_symmetry.pdbx_full_space_group_name_H-M   ? 
_symmetry.cell_setting                     ? 
_symmetry.Int_Tables_number                4 
_symmetry.space_group_name_Hall            ? 
# 
_exptl.entry_id          4DKZ 
_exptl.method            'X-RAY DIFFRACTION' 
_exptl.crystals_number   2 
# 
_exptl_crystal.id                    1 
_exptl_crystal.density_meas          ? 
_exptl_crystal.density_Matthews      2.13 
_exptl_crystal.density_percent_sol   42.34 
_exptl_crystal.description           ? 
_exptl_crystal.F_000                 ? 
_exptl_crystal.preparation           ? 
# 
_exptl_crystal_grow.crystal_id      1 
_exptl_crystal_grow.method          'VAPOR DIFFUSION, HANGING DROP' 
_exptl_crystal_grow.temp            291 
_exptl_crystal_grow.temp_details    ? 
_exptl_crystal_grow.pH              6.0 
_exptl_crystal_grow.pdbx_details    
;40 mM sodium cacodylate, pH 6.0, 80 mM sodium chloride, 12 mM spermine tetrahydrochloride and 10% v/v 2-methyl-2,4-pentanediol (MPD), VAPOR DIFFUSION, HANGING DROP, temperature 291K
;
_exptl_crystal_grow.pdbx_pH_range   ? 
# 
_diffrn.id                     1 
_diffrn.ambient_temp           100 
_diffrn.ambient_temp_details   ? 
_diffrn.crystal_id             1 
# 
_diffrn_detector.diffrn_id              1 
_diffrn_detector.detector               CCD 
_diffrn_detector.type                   'MARMOSAIC 225 mm CCD' 
_diffrn_detector.pdbx_collection_date   2008-07-17 
_diffrn_detector.details                ? 
# 
_diffrn_radiation.diffrn_id                        1 
_diffrn_radiation.wavelength_id                    1 
_diffrn_radiation.pdbx_monochromatic_or_laue_m_l   M 
_diffrn_radiation.monochromator                    'C(111)' 
_diffrn_radiation.pdbx_diffrn_protocol             'SINGLE WAVELENGTH' 
_diffrn_radiation.pdbx_scattering_type             x-ray 
# 
_diffrn_radiation_wavelength.id           1 
_diffrn_radiation_wavelength.wavelength   0.978 
_diffrn_radiation_wavelength.wt           1.0 
# 
_diffrn_source.diffrn_id                   1 
_diffrn_source.source                      SYNCHROTRON 
_diffrn_source.type                        'APS BEAMLINE 21-ID-F' 
_diffrn_source.pdbx_synchrotron_site       APS 
_diffrn_source.pdbx_synchrotron_beamline   21-ID-F 
_diffrn_source.pdbx_wavelength             ? 
_diffrn_source.pdbx_wavelength_list        0.978 
# 
_reflns.entry_id                     4DKZ 
_reflns.observed_criterion_sigma_I   0.0 
_reflns.observed_criterion_sigma_F   0.0 
_reflns.d_resolution_low             50 
_reflns.d_resolution_high            1.8 
_reflns.number_obs                   5795 
_reflns.number_all                   5865 
_reflns.percent_possible_obs         98.8 
_reflns.pdbx_Rmerge_I_obs            0.032 
_reflns.pdbx_Rsym_value              ? 
_reflns.pdbx_netI_over_sigmaI        ? 
_reflns.B_iso_Wilson_estimate        ? 
_reflns.pdbx_redundancy              ? 
_reflns.R_free_details               ? 
_reflns.limit_h_max                  ? 
_reflns.limit_h_min                  ? 
_reflns.limit_k_max                  ? 
_reflns.limit_k_min                  ? 
_reflns.limit_l_max                  ? 
_reflns.limit_l_min                  ? 
_reflns.observed_criterion_F_max     ? 
_reflns.observed_criterion_F_min     ? 
_reflns.pdbx_chi_squared             ? 
_reflns.pdbx_scaling_rejects         ? 
_reflns.pdbx_ordinal                 1 
_reflns.pdbx_diffrn_id               1 
# 
_reflns_shell.d_res_high             1.8 
_reflns_shell.d_res_low              1.9 
_reflns_shell.percent_possible_all   97.9 
_reflns_shell.Rmerge_I_obs           ? 
_reflns_shell.pdbx_Rsym_value        ? 
_reflns_shell.meanI_over_sigI_obs    ? 
_reflns_shell.pdbx_redundancy        ? 
_reflns_shell.percent_possible_obs   ? 
_reflns_shell.number_unique_all      ? 
_reflns_shell.number_measured_all    ? 
_reflns_shell.number_measured_obs    ? 
_reflns_shell.number_unique_obs      ? 
_reflns_shell.pdbx_chi_squared       ? 
_reflns_shell.pdbx_ordinal           1 
_reflns_shell.pdbx_diffrn_id         1 
# 
_refine.entry_id                                 4DKZ 
_refine.ls_number_reflns_obs                     5795 
_refine.ls_number_reflns_all                     5865 
_refine.pdbx_ls_sigma_I                          ? 
_refine.pdbx_ls_sigma_F                          0.0 
_refine.pdbx_data_cutoff_high_absF               ? 
_refine.pdbx_data_cutoff_low_absF                ? 
_refine.pdbx_data_cutoff_high_rms_absF           ? 
_refine.ls_d_res_low                             50 
_refine.ls_d_res_high                            1.8 
_refine.ls_percent_reflns_obs                    ? 
_refine.ls_R_factor_obs                          ? 
_refine.ls_R_factor_all                          ? 
_refine.ls_R_factor_R_work                       0.2338 
_refine.ls_R_factor_R_free                       0.2518 
_refine.ls_R_factor_R_free_error                 ? 
_refine.ls_R_factor_R_free_error_details         ? 
_refine.ls_percent_reflns_R_free                 ? 
_refine.ls_number_reflns_R_free                  608 
_refine.ls_number_parameters                     ? 
_refine.ls_number_restraints                     ? 
_refine.occupancy_min                            ? 
_refine.occupancy_max                            ? 
_refine.correlation_coeff_Fo_to_Fc               ? 
_refine.correlation_coeff_Fo_to_Fc_free          ? 
_refine.B_iso_mean                               ? 
_refine.aniso_B[1][1]                            ? 
_refine.aniso_B[2][2]                            ? 
_refine.aniso_B[3][3]                            ? 
_refine.aniso_B[1][2]                            ? 
_refine.aniso_B[1][3]                            ? 
_refine.aniso_B[2][3]                            ? 
_refine.solvent_model_details                    ? 
_refine.solvent_model_param_ksol                 ? 
_refine.solvent_model_param_bsol                 ? 
_refine.pdbx_solvent_vdw_probe_radii             ? 
_refine.pdbx_solvent_ion_probe_radii             ? 
_refine.pdbx_solvent_shrinkage_radii             ? 
_refine.pdbx_ls_cross_valid_method               THROUGHOUT 
_refine.details                                  ? 
_refine.pdbx_starting_model                      ? 
_refine.pdbx_method_to_determine_struct          SAD 
_refine.pdbx_isotropic_thermal_model             ? 
_refine.pdbx_stereochemistry_target_values       ? 
_refine.pdbx_stereochem_target_val_spec_case     ? 
_refine.pdbx_R_Free_selection_details            ? 
_refine.pdbx_overall_ESU_R                       ? 
_refine.pdbx_overall_ESU_R_Free                  ? 
_refine.overall_SU_ML                            ? 
_refine.pdbx_overall_phase_error                 ? 
_refine.overall_SU_B                             ? 
_refine.overall_SU_R_Cruickshank_DPI             ? 
_refine.ls_redundancy_reflns_obs                 ? 
_refine.B_iso_min                                ? 
_refine.B_iso_max                                ? 
_refine.overall_SU_R_free                        ? 
_refine.ls_wR_factor_R_free                      ? 
_refine.ls_wR_factor_R_work                      ? 
_refine.overall_FOM_free_R_set                   ? 
_refine.overall_FOM_work_R_set                   ? 
_refine.pdbx_diffrn_id                           1 
_refine.pdbx_refine_id                           'X-RAY DIFFRACTION' 
_refine.pdbx_TLS_residual_ADP_flag               ? 
_refine.pdbx_overall_SU_R_free_Cruickshank_DPI   ? 
_refine.pdbx_overall_SU_R_Blow_DPI               ? 
_refine.pdbx_overall_SU_R_free_Blow_DPI          ? 
# 
_refine_hist.pdbx_refine_id                   'X-RAY DIFFRACTION' 
_refine_hist.cycle_id                         LAST 
_refine_hist.pdbx_number_atoms_protein        0 
_refine_hist.pdbx_number_atoms_nucleic_acid   490 
_refine_hist.pdbx_number_atoms_ligand         0 
_refine_hist.number_atoms_solvent             63 
_refine_hist.number_atoms_total               553 
_refine_hist.d_res_high                       1.8 
_refine_hist.d_res_low                        50 
# 
loop_
_refine_ls_restr.type 
_refine_ls_restr.dev_ideal 
_refine_ls_restr.dev_ideal_target 
_refine_ls_restr.weight 
_refine_ls_restr.number 
_refine_ls_restr.pdbx_restraint_function 
_refine_ls_restr.pdbx_refine_id 
c_angle_d   0.008 ? ? ? ? 'X-RAY DIFFRACTION' 
c_angle_deg 1.4   ? ? ? ? 'X-RAY DIFFRACTION' 
# 
_struct.entry_id                  4DKZ 
_struct.title                     
;Hairpin structure of a DNA dodecamer containing North-methanocarba-2'-deoxythymidine
;
_struct.pdbx_model_details        ? 
_struct.pdbx_CASP_flag            ? 
_struct.pdbx_model_type_details   ? 
# 
_struct_keywords.entry_id        4DKZ 
_struct_keywords.pdbx_keywords   DNA 
_struct_keywords.text            
;North-methanocarba-2'-deoxythymidine, N-MCdT, X-ray crystal structure, tetra-loop hairpin, C4'-exo pucker, hairpin DNA, DNA
;
# 
loop_
_struct_asym.id 
_struct_asym.pdbx_blank_PDB_chainid_flag 
_struct_asym.pdbx_modified 
_struct_asym.entity_id 
_struct_asym.details 
A N N 1 ? 
B N N 1 ? 
C N N 2 ? 
D N N 2 ? 
# 
_struct_ref.id                         1 
_struct_ref.db_name                    PDB 
_struct_ref.db_code                    4DKZ 
_struct_ref.pdbx_db_accession          4DKZ 
_struct_ref.entity_id                  1 
_struct_ref.pdbx_align_begin           1 
_struct_ref.pdbx_seq_one_letter_code   CGCGAASSCGCG 
_struct_ref.pdbx_db_isoform            ? 
# 
loop_
_struct_ref_seq.align_id 
_struct_ref_seq.ref_id 
_struct_ref_seq.pdbx_PDB_id_code 
_struct_ref_seq.pdbx_strand_id 
_struct_ref_seq.seq_align_beg 
_struct_ref_seq.pdbx_seq_align_beg_ins_code 
_struct_ref_seq.seq_align_end 
_struct_ref_seq.pdbx_seq_align_end_ins_code 
_struct_ref_seq.pdbx_db_accession 
_struct_ref_seq.db_align_beg 
_struct_ref_seq.pdbx_db_align_beg_ins_code 
_struct_ref_seq.db_align_end 
_struct_ref_seq.pdbx_db_align_end_ins_code 
_struct_ref_seq.pdbx_auth_seq_align_beg 
_struct_ref_seq.pdbx_auth_seq_align_end 
1 1 4DKZ A 1 ? 12 ? 4DKZ 101 ? 112 ? 101 112 
2 1 4DKZ B 1 ? 12 ? 4DKZ 201 ? 212 ? 201 212 
# 
_pdbx_struct_assembly.id                   1 
_pdbx_struct_assembly.details              author_defined_assembly 
_pdbx_struct_assembly.method_details       ? 
_pdbx_struct_assembly.oligomeric_details   dimeric 
_pdbx_struct_assembly.oligomeric_count     2 
# 
_pdbx_struct_assembly_gen.assembly_id       1 
_pdbx_struct_assembly_gen.oper_expression   1 
_pdbx_struct_assembly_gen.asym_id_list      A,B,C,D 
# 
_pdbx_struct_oper_list.id                   1 
_pdbx_struct_oper_list.type                 'identity operation' 
_pdbx_struct_oper_list.name                 1_555 
_pdbx_struct_oper_list.symmetry_operation   x,y,z 
_pdbx_struct_oper_list.matrix[1][1]         1.0000000000 
_pdbx_struct_oper_list.matrix[1][2]         0.0000000000 
_pdbx_struct_oper_list.matrix[1][3]         0.0000000000 
_pdbx_struct_oper_list.vector[1]            0.0000000000 
_pdbx_struct_oper_list.matrix[2][1]         0.0000000000 
_pdbx_struct_oper_list.matrix[2][2]         1.0000000000 
_pdbx_struct_oper_list.matrix[2][3]         0.0000000000 
_pdbx_struct_oper_list.vector[2]            0.0000000000 
_pdbx_struct_oper_list.matrix[3][1]         0.0000000000 
_pdbx_struct_oper_list.matrix[3][2]         0.0000000000 
_pdbx_struct_oper_list.matrix[3][3]         1.0000000000 
_pdbx_struct_oper_list.vector[3]            0.0000000000 
# 
_struct_biol.id        1 
_struct_biol.details   ? 
# 
loop_
_struct_conn.id 
_struct_conn.conn_type_id 
_struct_conn.pdbx_leaving_atom_flag 
_struct_conn.pdbx_PDB_id 
_struct_conn.ptnr1_label_asym_id 
_struct_conn.ptnr1_label_comp_id 
_struct_conn.ptnr1_label_seq_id 
_struct_conn.ptnr1_label_atom_id 
_struct_conn.pdbx_ptnr1_label_alt_id 
_struct_conn.pdbx_ptnr1_PDB_ins_code 
_struct_conn.pdbx_ptnr1_standard_comp_id 
_struct_conn.ptnr1_symmetry 
_struct_conn.ptnr2_label_asym_id 
_struct_conn.ptnr2_label_comp_id 
_struct_conn.ptnr2_label_seq_id 
_struct_conn.ptnr2_label_atom_id 
_struct_conn.pdbx_ptnr2_label_alt_id 
_struct_conn.pdbx_ptnr2_PDB_ins_code 
_struct_conn.ptnr1_auth_asym_id 
_struct_conn.ptnr1_auth_comp_id 
_struct_conn.ptnr1_auth_seq_id 
_struct_conn.ptnr2_auth_asym_id 
_struct_conn.ptnr2_auth_comp_id 
_struct_conn.ptnr2_auth_seq_id 
_struct_conn.ptnr2_symmetry 
_struct_conn.pdbx_ptnr3_label_atom_id 
_struct_conn.pdbx_ptnr3_label_seq_id 
_struct_conn.pdbx_ptnr3_label_comp_id 
_struct_conn.pdbx_ptnr3_label_asym_id 
_struct_conn.pdbx_ptnr3_label_alt_id 
_struct_conn.pdbx_ptnr3_PDB_ins_code 
_struct_conn.details 
_struct_conn.pdbx_dist_value 
_struct_conn.pdbx_value_order 
_struct_conn.pdbx_role 
covale1  covale both ? A DA 6 "O3'" ? ? ? 1_555 A 0KZ 7  P  ? ? A DA 106 A 0KZ 107 1_555 ? ? ? ? ? ? ?            1.581 ? ? 
covale2  covale both ? B DA 6 "O3'" ? ? ? 1_555 B 0KZ 7  P  ? ? B DA 206 B 0KZ 207 1_555 ? ? ? ? ? ? ?            1.586 ? ? 
hydrog1  hydrog ?    ? A DC 1 N3    ? ? ? 1_555 A DG  12 N1 ? ? A DC 101 A DG  112 1_555 ? ? ? ? ? ? WATSON-CRICK ?     ? ? 
hydrog2  hydrog ?    ? A DC 1 N4    ? ? ? 1_555 A DG  12 O6 ? ? A DC 101 A DG  112 1_555 ? ? ? ? ? ? WATSON-CRICK ?     ? ? 
hydrog3  hydrog ?    ? A DC 1 O2    ? ? ? 1_555 A DG  12 N2 ? ? A DC 101 A DG  112 1_555 ? ? ? ? ? ? WATSON-CRICK ?     ? ? 
hydrog4  hydrog ?    ? A DG 2 N1    ? ? ? 1_555 A DC  11 N3 ? ? A DG 102 A DC  111 1_555 ? ? ? ? ? ? WATSON-CRICK ?     ? ? 
hydrog5  hydrog ?    ? A DG 2 N2    ? ? ? 1_555 A DC  11 O2 ? ? A DG 102 A DC  111 1_555 ? ? ? ? ? ? WATSON-CRICK ?     ? ? 
hydrog6  hydrog ?    ? A DG 2 O6    ? ? ? 1_555 A DC  11 N4 ? ? A DG 102 A DC  111 1_555 ? ? ? ? ? ? WATSON-CRICK ?     ? ? 
hydrog7  hydrog ?    ? A DC 3 N3    ? ? ? 1_555 A DG  10 N1 ? ? A DC 103 A DG  110 1_555 ? ? ? ? ? ? WATSON-CRICK ?     ? ? 
hydrog8  hydrog ?    ? A DC 3 N4    ? ? ? 1_555 A DG  10 O6 ? ? A DC 103 A DG  110 1_555 ? ? ? ? ? ? WATSON-CRICK ?     ? ? 
hydrog9  hydrog ?    ? A DC 3 O2    ? ? ? 1_555 A DG  10 N2 ? ? A DC 103 A DG  110 1_555 ? ? ? ? ? ? WATSON-CRICK ?     ? ? 
hydrog10 hydrog ?    ? A DG 4 N1    ? ? ? 1_555 A DC  9  N3 ? ? A DG 104 A DC  109 1_555 ? ? ? ? ? ? WATSON-CRICK ?     ? ? 
hydrog11 hydrog ?    ? A DG 4 N2    ? ? ? 1_555 A DC  9  O2 ? ? A DG 104 A DC  109 1_555 ? ? ? ? ? ? WATSON-CRICK ?     ? ? 
hydrog12 hydrog ?    ? A DG 4 O6    ? ? ? 1_555 A DC  9  N4 ? ? A DG 104 A DC  109 1_555 ? ? ? ? ? ? WATSON-CRICK ?     ? ? 
hydrog13 hydrog ?    ? B DC 1 N3    ? ? ? 1_555 B DG  12 N1 ? ? B DC 201 B DG  212 1_555 ? ? ? ? ? ? WATSON-CRICK ?     ? ? 
hydrog14 hydrog ?    ? B DC 1 N4    ? ? ? 1_555 B DG  12 O6 ? ? B DC 201 B DG  212 1_555 ? ? ? ? ? ? WATSON-CRICK ?     ? ? 
hydrog15 hydrog ?    ? B DC 1 O2    ? ? ? 1_555 B DG  12 N2 ? ? B DC 201 B DG  212 1_555 ? ? ? ? ? ? WATSON-CRICK ?     ? ? 
hydrog16 hydrog ?    ? B DG 2 N1    ? ? ? 1_555 B DC  11 N3 ? ? B DG 202 B DC  211 1_555 ? ? ? ? ? ? WATSON-CRICK ?     ? ? 
hydrog17 hydrog ?    ? B DG 2 N2    ? ? ? 1_555 B DC  11 O2 ? ? B DG 202 B DC  211 1_555 ? ? ? ? ? ? WATSON-CRICK ?     ? ? 
hydrog18 hydrog ?    ? B DG 2 O6    ? ? ? 1_555 B DC  11 N4 ? ? B DG 202 B DC  211 1_555 ? ? ? ? ? ? WATSON-CRICK ?     ? ? 
hydrog19 hydrog ?    ? B DC 3 N3    ? ? ? 1_555 B DG  10 N1 ? ? B DC 203 B DG  210 1_555 ? ? ? ? ? ? WATSON-CRICK ?     ? ? 
hydrog20 hydrog ?    ? B DC 3 N4    ? ? ? 1_555 B DG  10 O6 ? ? B DC 203 B DG  210 1_555 ? ? ? ? ? ? WATSON-CRICK ?     ? ? 
hydrog21 hydrog ?    ? B DC 3 O2    ? ? ? 1_555 B DG  10 N2 ? ? B DC 203 B DG  210 1_555 ? ? ? ? ? ? WATSON-CRICK ?     ? ? 
hydrog22 hydrog ?    ? B DG 4 N1    ? ? ? 1_555 B DC  9  N3 ? ? B DG 204 B DC  209 1_555 ? ? ? ? ? ? WATSON-CRICK ?     ? ? 
hydrog23 hydrog ?    ? B DG 4 N2    ? ? ? 1_555 B DC  9  O2 ? ? B DG 204 B DC  209 1_555 ? ? ? ? ? ? WATSON-CRICK ?     ? ? 
hydrog24 hydrog ?    ? B DG 4 O6    ? ? ? 1_555 B DC  9  N4 ? ? B DG 204 B DC  209 1_555 ? ? ? ? ? ? WATSON-CRICK ?     ? ? 
# 
loop_
_struct_conn_type.id 
_struct_conn_type.criteria 
_struct_conn_type.reference 
covale ? ? 
hydrog ? ? 
# 
loop_
_pdbx_validate_chiral.id 
_pdbx_validate_chiral.PDB_model_num 
_pdbx_validate_chiral.auth_atom_id 
_pdbx_validate_chiral.label_alt_id 
_pdbx_validate_chiral.auth_asym_id 
_pdbx_validate_chiral.auth_comp_id 
_pdbx_validate_chiral.auth_seq_id 
_pdbx_validate_chiral.PDB_ins_code 
_pdbx_validate_chiral.details 
_pdbx_validate_chiral.omega 
1 1 "C4'" ? A 0KZ 107 ? PLANAR . 
2 1 "C4'" ? A 0KZ 108 ? PLANAR . 
3 1 "C4'" ? B 0KZ 207 ? PLANAR . 
4 1 "C4'" ? B 0KZ 208 ? PLANAR . 
# 
loop_
_chem_comp_atom.comp_id 
_chem_comp_atom.atom_id 
_chem_comp_atom.type_symbol 
_chem_comp_atom.pdbx_aromatic_flag 
_chem_comp_atom.pdbx_stereo_config 
_chem_comp_atom.pdbx_ordinal 
0KZ C2     C N N 1   
0KZ N3     N N N 2   
0KZ C4     C N N 3   
0KZ C5     C N N 4   
0KZ C6     C N N 5   
0KZ C7     C N N 6   
0KZ P      P N N 7   
0KZ OP1    O N N 8   
0KZ OP2    O N N 9   
0KZ "O5'"  O N N 10  
0KZ "C5'"  C N N 11  
0KZ "C4'"  C N R 12  
0KZ "C6'"  C N S 13  
0KZ "C7'"  C N N 14  
0KZ "C1'"  C N S 15  
0KZ N1     N N N 16  
0KZ O2     O N N 17  
0KZ O4     O N N 18  
0KZ "C2'"  C N N 19  
0KZ "C3'"  C N S 20  
0KZ "O3'"  O N N 21  
0KZ H1     H N N 22  
0KZ H2     H N N 23  
0KZ H3     H N N 24  
0KZ H4     H N N 25  
0KZ H5     H N N 26  
0KZ H7     H N N 27  
0KZ H8     H N N 28  
0KZ H9     H N N 29  
0KZ H10    H N N 30  
0KZ H11    H N N 31  
0KZ H12    H N N 32  
0KZ H13    H N N 33  
0KZ H14    H N N 34  
0KZ H15    H N N 35  
0KZ H16    H N N 36  
0KZ H17    H N N 37  
0KZ OP3    O N N 38  
0KZ H19    H N N 39  
DA  OP3    O N N 40  
DA  P      P N N 41  
DA  OP1    O N N 42  
DA  OP2    O N N 43  
DA  "O5'"  O N N 44  
DA  "C5'"  C N N 45  
DA  "C4'"  C N R 46  
DA  "O4'"  O N N 47  
DA  "C3'"  C N S 48  
DA  "O3'"  O N N 49  
DA  "C2'"  C N N 50  
DA  "C1'"  C N R 51  
DA  N9     N Y N 52  
DA  C8     C Y N 53  
DA  N7     N Y N 54  
DA  C5     C Y N 55  
DA  C6     C Y N 56  
DA  N6     N N N 57  
DA  N1     N Y N 58  
DA  C2     C Y N 59  
DA  N3     N Y N 60  
DA  C4     C Y N 61  
DA  HOP3   H N N 62  
DA  HOP2   H N N 63  
DA  "H5'"  H N N 64  
DA  "H5''" H N N 65  
DA  "H4'"  H N N 66  
DA  "H3'"  H N N 67  
DA  "HO3'" H N N 68  
DA  "H2'"  H N N 69  
DA  "H2''" H N N 70  
DA  "H1'"  H N N 71  
DA  H8     H N N 72  
DA  H61    H N N 73  
DA  H62    H N N 74  
DA  H2     H N N 75  
DC  OP3    O N N 76  
DC  P      P N N 77  
DC  OP1    O N N 78  
DC  OP2    O N N 79  
DC  "O5'"  O N N 80  
DC  "C5'"  C N N 81  
DC  "C4'"  C N R 82  
DC  "O4'"  O N N 83  
DC  "C3'"  C N S 84  
DC  "O3'"  O N N 85  
DC  "C2'"  C N N 86  
DC  "C1'"  C N R 87  
DC  N1     N N N 88  
DC  C2     C N N 89  
DC  O2     O N N 90  
DC  N3     N N N 91  
DC  C4     C N N 92  
DC  N4     N N N 93  
DC  C5     C N N 94  
DC  C6     C N N 95  
DC  HOP3   H N N 96  
DC  HOP2   H N N 97  
DC  "H5'"  H N N 98  
DC  "H5''" H N N 99  
DC  "H4'"  H N N 100 
DC  "H3'"  H N N 101 
DC  "HO3'" H N N 102 
DC  "H2'"  H N N 103 
DC  "H2''" H N N 104 
DC  "H1'"  H N N 105 
DC  H41    H N N 106 
DC  H42    H N N 107 
DC  H5     H N N 108 
DC  H6     H N N 109 
DG  OP3    O N N 110 
DG  P      P N N 111 
DG  OP1    O N N 112 
DG  OP2    O N N 113 
DG  "O5'"  O N N 114 
DG  "C5'"  C N N 115 
DG  "C4'"  C N R 116 
DG  "O4'"  O N N 117 
DG  "C3'"  C N S 118 
DG  "O3'"  O N N 119 
DG  "C2'"  C N N 120 
DG  "C1'"  C N R 121 
DG  N9     N Y N 122 
DG  C8     C Y N 123 
DG  N7     N Y N 124 
DG  C5     C Y N 125 
DG  C6     C N N 126 
DG  O6     O N N 127 
DG  N1     N N N 128 
DG  C2     C N N 129 
DG  N2     N N N 130 
DG  N3     N N N 131 
DG  C4     C Y N 132 
DG  HOP3   H N N 133 
DG  HOP2   H N N 134 
DG  "H5'"  H N N 135 
DG  "H5''" H N N 136 
DG  "H4'"  H N N 137 
DG  "H3'"  H N N 138 
DG  "HO3'" H N N 139 
DG  "H2'"  H N N 140 
DG  "H2''" H N N 141 
DG  "H1'"  H N N 142 
DG  H8     H N N 143 
DG  H1     H N N 144 
DG  H21    H N N 145 
DG  H22    H N N 146 
HOH O      O N N 147 
HOH H1     H N N 148 
HOH H2     H N N 149 
# 
loop_
_chem_comp_bond.comp_id 
_chem_comp_bond.atom_id_1 
_chem_comp_bond.atom_id_2 
_chem_comp_bond.value_order 
_chem_comp_bond.pdbx_aromatic_flag 
_chem_comp_bond.pdbx_stereo_config 
_chem_comp_bond.pdbx_ordinal 
0KZ "O3'" "C3'"  sing N N 1   
0KZ "C7'" "C4'"  sing N N 2   
0KZ "C7'" "C6'"  sing N N 3   
0KZ "C4'" "C5'"  sing N N 4   
0KZ "C4'" "C3'"  sing N N 5   
0KZ "C4'" "C6'"  sing N N 6   
0KZ "C5'" "O5'"  sing N N 7   
0KZ "C3'" "C2'"  sing N N 8   
0KZ OP1   P      doub N N 9   
0KZ "C6'" "C1'"  sing N N 10  
0KZ "C2'" "C1'"  sing N N 11  
0KZ "O5'" P      sing N N 12  
0KZ "C1'" N1     sing N N 13  
0KZ P     OP2    sing N N 14  
0KZ N1    C6     sing N N 15  
0KZ N1    C2     sing N N 16  
0KZ O2    C2     doub N N 17  
0KZ C6    C5     doub N N 18  
0KZ C2    N3     sing N N 19  
0KZ C5    C7     sing N N 20  
0KZ C5    C4     sing N N 21  
0KZ N3    C4     sing N N 22  
0KZ C4    O4     doub N N 23  
0KZ N3    H1     sing N N 24  
0KZ C6    H2     sing N N 25  
0KZ C7    H3     sing N N 26  
0KZ C7    H4     sing N N 27  
0KZ C7    H5     sing N N 28  
0KZ OP2   H7     sing N N 29  
0KZ "C5'" H8     sing N N 30  
0KZ "C5'" H9     sing N N 31  
0KZ "C6'" H10    sing N N 32  
0KZ "C7'" H11    sing N N 33  
0KZ "C7'" H12    sing N N 34  
0KZ "C1'" H13    sing N N 35  
0KZ "C2'" H14    sing N N 36  
0KZ "C2'" H15    sing N N 37  
0KZ "C3'" H16    sing N N 38  
0KZ "O3'" H17    sing N N 39  
0KZ P     OP3    sing N N 40  
0KZ OP3   H19    sing N N 41  
DA  OP3   P      sing N N 42  
DA  OP3   HOP3   sing N N 43  
DA  P     OP1    doub N N 44  
DA  P     OP2    sing N N 45  
DA  P     "O5'"  sing N N 46  
DA  OP2   HOP2   sing N N 47  
DA  "O5'" "C5'"  sing N N 48  
DA  "C5'" "C4'"  sing N N 49  
DA  "C5'" "H5'"  sing N N 50  
DA  "C5'" "H5''" sing N N 51  
DA  "C4'" "O4'"  sing N N 52  
DA  "C4'" "C3'"  sing N N 53  
DA  "C4'" "H4'"  sing N N 54  
DA  "O4'" "C1'"  sing N N 55  
DA  "C3'" "O3'"  sing N N 56  
DA  "C3'" "C2'"  sing N N 57  
DA  "C3'" "H3'"  sing N N 58  
DA  "O3'" "HO3'" sing N N 59  
DA  "C2'" "C1'"  sing N N 60  
DA  "C2'" "H2'"  sing N N 61  
DA  "C2'" "H2''" sing N N 62  
DA  "C1'" N9     sing N N 63  
DA  "C1'" "H1'"  sing N N 64  
DA  N9    C8     sing Y N 65  
DA  N9    C4     sing Y N 66  
DA  C8    N7     doub Y N 67  
DA  C8    H8     sing N N 68  
DA  N7    C5     sing Y N 69  
DA  C5    C6     sing Y N 70  
DA  C5    C4     doub Y N 71  
DA  C6    N6     sing N N 72  
DA  C6    N1     doub Y N 73  
DA  N6    H61    sing N N 74  
DA  N6    H62    sing N N 75  
DA  N1    C2     sing Y N 76  
DA  C2    N3     doub Y N 77  
DA  C2    H2     sing N N 78  
DA  N3    C4     sing Y N 79  
DC  OP3   P      sing N N 80  
DC  OP3   HOP3   sing N N 81  
DC  P     OP1    doub N N 82  
DC  P     OP2    sing N N 83  
DC  P     "O5'"  sing N N 84  
DC  OP2   HOP2   sing N N 85  
DC  "O5'" "C5'"  sing N N 86  
DC  "C5'" "C4'"  sing N N 87  
DC  "C5'" "H5'"  sing N N 88  
DC  "C5'" "H5''" sing N N 89  
DC  "C4'" "O4'"  sing N N 90  
DC  "C4'" "C3'"  sing N N 91  
DC  "C4'" "H4'"  sing N N 92  
DC  "O4'" "C1'"  sing N N 93  
DC  "C3'" "O3'"  sing N N 94  
DC  "C3'" "C2'"  sing N N 95  
DC  "C3'" "H3'"  sing N N 96  
DC  "O3'" "HO3'" sing N N 97  
DC  "C2'" "C1'"  sing N N 98  
DC  "C2'" "H2'"  sing N N 99  
DC  "C2'" "H2''" sing N N 100 
DC  "C1'" N1     sing N N 101 
DC  "C1'" "H1'"  sing N N 102 
DC  N1    C2     sing N N 103 
DC  N1    C6     sing N N 104 
DC  C2    O2     doub N N 105 
DC  C2    N3     sing N N 106 
DC  N3    C4     doub N N 107 
DC  C4    N4     sing N N 108 
DC  C4    C5     sing N N 109 
DC  N4    H41    sing N N 110 
DC  N4    H42    sing N N 111 
DC  C5    C6     doub N N 112 
DC  C5    H5     sing N N 113 
DC  C6    H6     sing N N 114 
DG  OP3   P      sing N N 115 
DG  OP3   HOP3   sing N N 116 
DG  P     OP1    doub N N 117 
DG  P     OP2    sing N N 118 
DG  P     "O5'"  sing N N 119 
DG  OP2   HOP2   sing N N 120 
DG  "O5'" "C5'"  sing N N 121 
DG  "C5'" "C4'"  sing N N 122 
DG  "C5'" "H5'"  sing N N 123 
DG  "C5'" "H5''" sing N N 124 
DG  "C4'" "O4'"  sing N N 125 
DG  "C4'" "C3'"  sing N N 126 
DG  "C4'" "H4'"  sing N N 127 
DG  "O4'" "C1'"  sing N N 128 
DG  "C3'" "O3'"  sing N N 129 
DG  "C3'" "C2'"  sing N N 130 
DG  "C3'" "H3'"  sing N N 131 
DG  "O3'" "HO3'" sing N N 132 
DG  "C2'" "C1'"  sing N N 133 
DG  "C2'" "H2'"  sing N N 134 
DG  "C2'" "H2''" sing N N 135 
DG  "C1'" N9     sing N N 136 
DG  "C1'" "H1'"  sing N N 137 
DG  N9    C8     sing Y N 138 
DG  N9    C4     sing Y N 139 
DG  C8    N7     doub Y N 140 
DG  C8    H8     sing N N 141 
DG  N7    C5     sing Y N 142 
DG  C5    C6     sing N N 143 
DG  C5    C4     doub Y N 144 
DG  C6    O6     doub N N 145 
DG  C6    N1     sing N N 146 
DG  N1    C2     sing N N 147 
DG  N1    H1     sing N N 148 
DG  C2    N2     sing N N 149 
DG  C2    N3     doub N N 150 
DG  N2    H21    sing N N 151 
DG  N2    H22    sing N N 152 
DG  N3    C4     sing N N 153 
HOH O     H1     sing N N 154 
HOH O     H2     sing N N 155 
# 
loop_
_ndb_struct_conf_na.entry_id 
_ndb_struct_conf_na.feature 
4DKZ 'z-form double helix' 
4DKZ 'hairpin loop'        
# 
loop_
_ndb_struct_na_base_pair.model_number 
_ndb_struct_na_base_pair.i_label_asym_id 
_ndb_struct_na_base_pair.i_label_comp_id 
_ndb_struct_na_base_pair.i_label_seq_id 
_ndb_struct_na_base_pair.i_symmetry 
_ndb_struct_na_base_pair.j_label_asym_id 
_ndb_struct_na_base_pair.j_label_comp_id 
_ndb_struct_na_base_pair.j_label_seq_id 
_ndb_struct_na_base_pair.j_symmetry 
_ndb_struct_na_base_pair.shear 
_ndb_struct_na_base_pair.stretch 
_ndb_struct_na_base_pair.stagger 
_ndb_struct_na_base_pair.buckle 
_ndb_struct_na_base_pair.propeller 
_ndb_struct_na_base_pair.opening 
_ndb_struct_na_base_pair.pair_number 
_ndb_struct_na_base_pair.pair_name 
_ndb_struct_na_base_pair.i_auth_asym_id 
_ndb_struct_na_base_pair.i_auth_seq_id 
_ndb_struct_na_base_pair.i_PDB_ins_code 
_ndb_struct_na_base_pair.j_auth_asym_id 
_ndb_struct_na_base_pair.j_auth_seq_id 
_ndb_struct_na_base_pair.j_PDB_ins_code 
_ndb_struct_na_base_pair.hbond_type_28 
_ndb_struct_na_base_pair.hbond_type_12 
1 A DC 9  1_555 A DG 4  1_555 -0.046 -0.139 -0.223 7.268  2.058  0.947 1 A_DC109:DG104_A A 109 ? A 104 ? 19 1 
1 A DG 10 1_555 A DC 3  1_555 0.397  -0.201 0.068  2.946  2.949  2.022 2 A_DG110:DC103_A A 110 ? A 103 ? 19 1 
1 A DC 11 1_555 A DG 2  1_555 -0.350 -0.120 0.234  5.397  3.410  1.742 3 A_DC111:DG102_A A 111 ? A 102 ? 19 1 
1 A DG 12 1_555 A DC 1  1_555 0.165  -0.153 0.137  1.538  -6.686 1.062 4 A_DG112:DC101_A A 112 ? A 101 ? 19 1 
1 B DC 1  1_555 B DG 12 1_555 -0.219 -0.086 0.152  -2.368 -9.048 1.525 5 B_DC201:DG212_B B 201 ? B 212 ? 19 1 
1 B DG 2  1_555 B DC 11 1_555 0.320  -0.137 0.119  -5.269 4.208  1.716 6 B_DG202:DC211_B B 202 ? B 211 ? 19 1 
1 B DC 3  1_555 B DG 10 1_555 -0.384 -0.149 0.162  -3.405 0.073  1.973 7 B_DC203:DG210_B B 203 ? B 210 ? 19 1 
1 B DG 4  1_555 B DC 9  1_555 0.178  -0.149 -0.289 -5.472 4.235  1.228 8 B_DG204:DC209_B B 204 ? B 209 ? 19 1 
# 
loop_
_ndb_struct_na_base_pair_step.model_number 
_ndb_struct_na_base_pair_step.i_label_asym_id_1 
_ndb_struct_na_base_pair_step.i_label_comp_id_1 
_ndb_struct_na_base_pair_step.i_label_seq_id_1 
_ndb_struct_na_base_pair_step.i_symmetry_1 
_ndb_struct_na_base_pair_step.j_label_asym_id_1 
_ndb_struct_na_base_pair_step.j_label_comp_id_1 
_ndb_struct_na_base_pair_step.j_label_seq_id_1 
_ndb_struct_na_base_pair_step.j_symmetry_1 
_ndb_struct_na_base_pair_step.i_label_asym_id_2 
_ndb_struct_na_base_pair_step.i_label_comp_id_2 
_ndb_struct_na_base_pair_step.i_label_seq_id_2 
_ndb_struct_na_base_pair_step.i_symmetry_2 
_ndb_struct_na_base_pair_step.j_label_asym_id_2 
_ndb_struct_na_base_pair_step.j_label_comp_id_2 
_ndb_struct_na_base_pair_step.j_label_seq_id_2 
_ndb_struct_na_base_pair_step.j_symmetry_2 
_ndb_struct_na_base_pair_step.shift 
_ndb_struct_na_base_pair_step.slide 
_ndb_struct_na_base_pair_step.rise 
_ndb_struct_na_base_pair_step.tilt 
_ndb_struct_na_base_pair_step.roll 
_ndb_struct_na_base_pair_step.twist 
_ndb_struct_na_base_pair_step.x_displacement 
_ndb_struct_na_base_pair_step.y_displacement 
_ndb_struct_na_base_pair_step.helical_rise 
_ndb_struct_na_base_pair_step.inclination 
_ndb_struct_na_base_pair_step.tip 
_ndb_struct_na_base_pair_step.helical_twist 
_ndb_struct_na_base_pair_step.step_number 
_ndb_struct_na_base_pair_step.step_name 
_ndb_struct_na_base_pair_step.i_auth_asym_id_1 
_ndb_struct_na_base_pair_step.i_auth_seq_id_1 
_ndb_struct_na_base_pair_step.i_PDB_ins_code_1 
_ndb_struct_na_base_pair_step.j_auth_asym_id_1 
_ndb_struct_na_base_pair_step.j_auth_seq_id_1 
_ndb_struct_na_base_pair_step.j_PDB_ins_code_1 
_ndb_struct_na_base_pair_step.i_auth_asym_id_2 
_ndb_struct_na_base_pair_step.i_auth_seq_id_2 
_ndb_struct_na_base_pair_step.i_PDB_ins_code_2 
_ndb_struct_na_base_pair_step.j_auth_asym_id_2 
_ndb_struct_na_base_pair_step.j_auth_seq_id_2 
_ndb_struct_na_base_pair_step.j_PDB_ins_code_2 
1 A DC 9  1_555 A DG 4  1_555 A DG 10 1_555 A DC 3  1_555 -0.067 5.292  3.572 -0.169 -6.446 -10.807 -12.434 -0.614 5.774 30.877  
-0.810  -12.580 1 AA_DC109DG110:DC103DG104_AA A 109 ? A 104 ? A 110 ? A 103 ? 
1 A DG 10 1_555 A DC 3  1_555 A DC 11 1_555 A DG 2  1_555 -0.114 -1.233 3.316 -1.452 -5.429 -52.016 1.756   -0.224 3.177 6.169   
-1.650  -52.298 2 AA_DG110DC111:DG102DC103_AA A 110 ? A 103 ? A 111 ? A 102 ? 
1 A DC 11 1_555 A DG 2  1_555 A DG 12 1_555 A DC 1  1_555 -0.173 5.507  3.710 -1.451 0.120  -7.739  -40.506 -6.152 3.530 -0.880  
-10.629 -7.874  3 AA_DC111DG112:DC101DG102_AA A 111 ? A 102 ? A 112 ? A 101 ? 
1 A DG 12 1_555 A DC 1  1_555 B DC 1  1_555 B DG 12 1_555 0.061  2.000  3.440 -0.205 -8.130 12.241  13.945  -0.393 1.766 -33.684 
0.850   14.688  4 AB_DG112DC201:DG212DC101_BA A 112 ? A 101 ? B 201 ? B 212 ? 
1 B DC 1  1_555 B DG 12 1_555 B DG 2  1_555 B DC 11 1_555 0.077  5.455  3.620 2.577  0.690  -7.972  -39.102 7.584  2.963 -4.791  
17.892  -8.406  5 BB_DC201DG202:DC211DG212_BB B 201 ? B 212 ? B 202 ? B 211 ? 
1 B DG 2  1_555 B DC 11 1_555 B DC 3  1_555 B DG 10 1_555 0.025  -1.311 3.379 -0.863 -6.059 -50.789 1.943   -0.031 3.213 7.035   
-1.002  -51.132 6 BB_DG202DC203:DG210DC211_BB B 202 ? B 211 ? B 203 ? B 210 ? 
1 B DC 3  1_555 B DG 10 1_555 B DG 4  1_555 B DC 9  1_555 0.176  5.322  3.520 2.840  -4.860 -10.114 -16.659 6.563  5.265 25.169  
14.705  -11.571 7 BB_DC203DG204:DC209DG210_BB B 203 ? B 210 ? B 204 ? B 209 ? 
# 
_atom_sites.entry_id                    4DKZ 
_atom_sites.fract_transf_matrix[1][1]   -0.04025211 
_atom_sites.fract_transf_matrix[1][2]   0.00134897 
_atom_sites.fract_transf_matrix[1][3]   0.00869486 
_atom_sites.fract_transf_matrix[2][1]   -0.00013043 
_atom_sites.fract_transf_matrix[2][2]   0.02791192 
_atom_sites.fract_transf_matrix[2][3]   -0.00493423 
_atom_sites.fract_transf_matrix[3][1]   -0.00713578 
_atom_sites.fract_transf_matrix[3][2]   -0.00461479 
_atom_sites.fract_transf_matrix[3][3]   -0.02591632 
_atom_sites.fract_transf_vector[1]      0.262199 
_atom_sites.fract_transf_vector[2]      0.007053 
_atom_sites.fract_transf_vector[3]      0.240915 
# 
loop_
_atom_type.symbol 
C 
N 
O 
P 
# 
loop_
_atom_site.group_PDB 
_atom_site.id 
_atom_site.type_symbol 
_atom_site.label_atom_id 
_atom_site.label_alt_id 
_atom_site.label_comp_id 
_atom_site.label_asym_id 
_atom_site.label_entity_id 
_atom_site.label_seq_id 
_atom_site.pdbx_PDB_ins_code 
_atom_site.Cartn_x 
_atom_site.Cartn_y 
_atom_site.Cartn_z 
_atom_site.occupancy 
_atom_site.B_iso_or_equiv 
_atom_site.pdbx_formal_charge 
_atom_site.auth_seq_id 
_atom_site.auth_comp_id 
_atom_site.auth_asym_id 
_atom_site.auth_atom_id 
_atom_site.pdbx_PDB_model_num 
ATOM   1   O "O5'" . DC  A 1 1  ? 4.208   -8.637  2.264   1.00 21.34 ? 101 DC  A "O5'" 1 
ATOM   2   C "C5'" . DC  A 1 1  ? 3.276   -9.639  1.822   1.00 18.41 ? 101 DC  A "C5'" 1 
ATOM   3   C "C4'" . DC  A 1 1  ? 2.166   -9.008  1.008   1.00 15.78 ? 101 DC  A "C4'" 1 
ATOM   4   O "O4'" . DC  A 1 1  ? 1.469   -8.017  1.813   1.00 14.99 ? 101 DC  A "O4'" 1 
ATOM   5   C "C3'" . DC  A 1 1  ? 2.593   -8.286  -0.270  1.00 16.55 ? 101 DC  A "C3'" 1 
ATOM   6   O "O3'" . DC  A 1 1  ? 1.571   -8.436  -1.250  1.00 17.97 ? 101 DC  A "O3'" 1 
ATOM   7   C "C2'" . DC  A 1 1  ? 2.609   -6.826  0.172   1.00 16.24 ? 101 DC  A "C2'" 1 
ATOM   8   C "C1'" . DC  A 1 1  ? 1.389   -6.804  1.089   1.00 16.03 ? 101 DC  A "C1'" 1 
ATOM   9   N N1    . DC  A 1 1  ? 1.314   -5.681  2.040   1.00 17.89 ? 101 DC  A N1    1 
ATOM   10  C C2    . DC  A 1 1  ? 0.541   -4.566  1.699   1.00 18.82 ? 101 DC  A C2    1 
ATOM   11  O O2    . DC  A 1 1  ? -0.044  -4.550  0.597   1.00 18.33 ? 101 DC  A O2    1 
ATOM   12  N N3    . DC  A 1 1  ? 0.450   -3.534  2.568   1.00 19.42 ? 101 DC  A N3    1 
ATOM   13  C C4    . DC  A 1 1  ? 1.099   -3.582  3.733   1.00 19.29 ? 101 DC  A C4    1 
ATOM   14  N N4    . DC  A 1 1  ? 0.978   -2.531  4.559   1.00 20.73 ? 101 DC  A N4    1 
ATOM   15  C C5    . DC  A 1 1  ? 1.898   -4.701  4.104   1.00 19.65 ? 101 DC  A C5    1 
ATOM   16  C C6    . DC  A 1 1  ? 1.977   -5.722  3.235   1.00 19.29 ? 101 DC  A C6    1 
ATOM   17  P P     . DG  A 1 2  ? 1.781   -9.435  -2.492  1.00 19.09 ? 102 DG  A P     1 
ATOM   18  O OP1   . DG  A 1 2  ? 3.169   -9.317  -2.994  1.00 16.12 ? 102 DG  A OP1   1 
ATOM   19  O OP2   . DG  A 1 2  ? 0.641   -9.198  -3.412  1.00 20.78 ? 102 DG  A OP2   1 
ATOM   20  O "O5'" . DG  A 1 2  ? 1.586   -10.886 -1.869  1.00 18.66 ? 102 DG  A "O5'" 1 
ATOM   21  C "C5'" . DG  A 1 2  ? 0.285   -11.325 -1.449  1.00 15.74 ? 102 DG  A "C5'" 1 
ATOM   22  C "C4'" . DG  A 1 2  ? 0.390   -12.574 -0.608  1.00 16.86 ? 102 DG  A "C4'" 1 
ATOM   23  O "O4'" . DG  A 1 2  ? 1.221   -12.340 0.549   1.00 17.12 ? 102 DG  A "O4'" 1 
ATOM   24  C "C3'" . DG  A 1 2  ? -0.939  -13.081 -0.073  1.00 17.08 ? 102 DG  A "C3'" 1 
ATOM   25  O "O3'" . DG  A 1 2  ? -1.422  -13.952 -1.093  1.00 20.65 ? 102 DG  A "O3'" 1 
ATOM   26  C "C2'" . DG  A 1 2  ? -0.533  -13.830 1.198   1.00 19.73 ? 102 DG  A "C2'" 1 
ATOM   27  C "C1'" . DG  A 1 2  ? 0.716   -13.058 1.653   1.00 19.43 ? 102 DG  A "C1'" 1 
ATOM   28  N N9    . DG  A 1 2  ? 0.591   -12.135 2.778   1.00 18.42 ? 102 DG  A N9    1 
ATOM   29  C C8    . DG  A 1 2  ? 1.164   -12.273 4.019   1.00 19.67 ? 102 DG  A C8    1 
ATOM   30  N N7    . DG  A 1 2  ? 0.925   -11.265 4.813   1.00 20.42 ? 102 DG  A N7    1 
ATOM   31  C C5    . DG  A 1 2  ? 0.139   -10.407 4.054   1.00 19.59 ? 102 DG  A C5    1 
ATOM   32  C C6    . DG  A 1 2  ? -0.416  -9.143  4.380   1.00 19.68 ? 102 DG  A C6    1 
ATOM   33  O O6    . DG  A 1 2  ? -0.311  -8.503  5.431   1.00 21.27 ? 102 DG  A O6    1 
ATOM   34  N N1    . DG  A 1 2  ? -1.151  -8.621  3.322   1.00 18.48 ? 102 DG  A N1    1 
ATOM   35  C C2    . DG  A 1 2  ? -1.324  -9.227  2.104   1.00 16.14 ? 102 DG  A C2    1 
ATOM   36  N N2    . DG  A 1 2  ? -2.070  -8.555  1.215   1.00 17.96 ? 102 DG  A N2    1 
ATOM   37  N N3    . DG  A 1 2  ? -0.804  -10.404 1.781   1.00 16.64 ? 102 DG  A N3    1 
ATOM   38  C C4    . DG  A 1 2  ? -0.090  -10.934 2.799   1.00 20.33 ? 102 DG  A C4    1 
ATOM   39  P P     . DC  A 1 3  ? -2.910  -14.547 -1.017  1.00 23.35 ? 103 DC  A P     1 
ATOM   40  O OP1   . DC  A 1 3  ? -3.018  -15.277 0.268   1.00 22.47 ? 103 DC  A OP1   1 
ATOM   41  O OP2   . DC  A 1 3  ? -3.183  -15.253 -2.297  1.00 22.84 ? 103 DC  A OP2   1 
ATOM   42  O "O5'" . DC  A 1 3  ? -3.857  -13.267 -0.958  1.00 19.32 ? 103 DC  A "O5'" 1 
ATOM   43  C "C5'" . DC  A 1 3  ? -5.256  -13.396 -1.247  1.00 17.82 ? 103 DC  A "C5'" 1 
ATOM   44  C "C4'" . DC  A 1 3  ? -5.988  -12.117 -0.919  1.00 16.94 ? 103 DC  A "C4'" 1 
ATOM   45  O "O4'" . DC  A 1 3  ? -6.015  -11.922 0.524   1.00 17.68 ? 103 DC  A "O4'" 1 
ATOM   46  C "C3'" . DC  A 1 3  ? -5.404  -10.837 -1.506  1.00 17.54 ? 103 DC  A "C3'" 1 
ATOM   47  O "O3'" . DC  A 1 3  ? -6.466  -9.948  -1.820  1.00 17.66 ? 103 DC  A "O3'" 1 
ATOM   48  C "C2'" . DC  A 1 3  ? -4.612  -10.267 -0.335  1.00 17.34 ? 103 DC  A "C2'" 1 
ATOM   49  C "C1'" . DC  A 1 3  ? -5.516  -10.641 0.833   1.00 17.04 ? 103 DC  A "C1'" 1 
ATOM   50  N N1    . DC  A 1 3  ? -4.824  -10.710 2.128   1.00 15.09 ? 103 DC  A N1    1 
ATOM   51  C C2    . DC  A 1 3  ? -4.933  -9.625  2.995   1.00 16.68 ? 103 DC  A C2    1 
ATOM   52  O O2    . DC  A 1 3  ? -5.633  -8.651  2.655   1.00 16.32 ? 103 DC  A O2    1 
ATOM   53  N N3    . DC  A 1 3  ? -4.283  -9.660  4.181   1.00 18.32 ? 103 DC  A N3    1 
ATOM   54  C C4    . DC  A 1 3  ? -3.561  -10.736 4.515   1.00 19.75 ? 103 DC  A C4    1 
ATOM   55  N N4    . DC  A 1 3  ? -2.944  -10.734 5.701   1.00 20.26 ? 103 DC  A N4    1 
ATOM   56  C C5    . DC  A 1 3  ? -3.443  -11.861 3.649   1.00 17.09 ? 103 DC  A C5    1 
ATOM   57  C C6    . DC  A 1 3  ? -4.084  -11.807 2.477   1.00 16.08 ? 103 DC  A C6    1 
ATOM   58  P P     . DG  A 1 4  ? -6.990  -9.836  -3.335  1.00 22.26 ? 104 DG  A P     1 
ATOM   59  O OP1   . DG  A 1 4  ? -5.882  -10.079 -4.281  1.00 23.43 ? 104 DG  A OP1   1 
ATOM   60  O OP2   . DG  A 1 4  ? -7.761  -8.569  -3.405  1.00 22.25 ? 104 DG  A OP2   1 
ATOM   61  O "O5'" . DG  A 1 4  ? -8.003  -11.050 -3.480  1.00 24.15 ? 104 DG  A "O5'" 1 
ATOM   62  C "C5'" . DG  A 1 4  ? -9.240  -11.057 -2.761  1.00 21.28 ? 104 DG  A "C5'" 1 
ATOM   63  C "C4'" . DG  A 1 4  ? -9.845  -12.435 -2.800  1.00 20.18 ? 104 DG  A "C4'" 1 
ATOM   64  O "O4'" . DG  A 1 4  ? -8.842  -13.402 -2.428  1.00 18.08 ? 104 DG  A "O4'" 1 
ATOM   65  C "C3'" . DG  A 1 4  ? -11.003 -12.644 -1.841  1.00 20.07 ? 104 DG  A "C3'" 1 
ATOM   66  O "O3'" . DG  A 1 4  ? -12.202 -12.319 -2.558  1.00 22.47 ? 104 DG  A "O3'" 1 
ATOM   67  C "C2'" . DG  A 1 4  ? -10.946 -14.150 -1.572  1.00 19.71 ? 104 DG  A "C2'" 1 
ATOM   68  C "C1'" . DG  A 1 4  ? -9.459  -14.482 -1.771  1.00 17.92 ? 104 DG  A "C1'" 1 
ATOM   69  N N9    . DG  A 1 4  ? -8.653  -14.807 -0.604  1.00 18.29 ? 104 DG  A N9    1 
ATOM   70  C C8    . DG  A 1 4  ? -7.843  -15.906 -0.448  1.00 18.79 ? 104 DG  A C8    1 
ATOM   71  N N7    . DG  A 1 4  ? -7.174  -15.895 0.672   1.00 20.09 ? 104 DG  A N7    1 
ATOM   72  C C5    . DG  A 1 4  ? -7.578  -14.725 1.300   1.00 17.49 ? 104 DG  A C5    1 
ATOM   73  C C6    . DG  A 1 4  ? -7.179  -14.168 2.537   1.00 17.57 ? 104 DG  A C6    1 
ATOM   74  O O6    . DG  A 1 4  ? -6.346  -14.605 3.349   1.00 20.38 ? 104 DG  A O6    1 
ATOM   75  N N1    . DG  A 1 4  ? -7.844  -12.971 2.795   1.00 15.39 ? 104 DG  A N1    1 
ATOM   76  C C2    . DG  A 1 4  ? -8.763  -12.381 1.958   1.00 17.56 ? 104 DG  A C2    1 
ATOM   77  N N2    . DG  A 1 4  ? -9.290  -11.218 2.371   1.00 18.89 ? 104 DG  A N2    1 
ATOM   78  N N3    . DG  A 1 4  ? -9.135  -12.892 0.797   1.00 17.74 ? 104 DG  A N3    1 
ATOM   79  C C4    . DG  A 1 4  ? -8.507  -14.054 0.534   1.00 18.55 ? 104 DG  A C4    1 
ATOM   80  P P     . DA  A 1 5  ? -12.999 -10.945 -2.266  1.00 22.64 ? 105 DA  A P     1 
ATOM   81  O OP1   . DA  A 1 5  ? -13.451 -10.406 -3.582  1.00 22.88 ? 105 DA  A OP1   1 
ATOM   82  O OP2   . DA  A 1 5  ? -12.232 -10.075 -1.344  1.00 20.73 ? 105 DA  A OP2   1 
ATOM   83  O "O5'" . DA  A 1 5  ? -14.325 -11.426 -1.535  1.00 22.23 ? 105 DA  A "O5'" 1 
ATOM   84  C "C5'" . DA  A 1 5  ? -14.318 -11.845 -0.172  1.00 21.28 ? 105 DA  A "C5'" 1 
ATOM   85  C "C4'" . DA  A 1 5  ? -15.155 -13.084 -0.032  1.00 20.74 ? 105 DA  A "C4'" 1 
ATOM   86  O "O4'" . DA  A 1 5  ? -14.346 -14.235 -0.418  1.00 20.76 ? 105 DA  A "O4'" 1 
ATOM   87  C "C3'" . DA  A 1 5  ? -15.668 -13.366 1.371   1.00 19.96 ? 105 DA  A "C3'" 1 
ATOM   88  O "O3'" . DA  A 1 5  ? -17.019 -13.788 1.282   1.00 20.94 ? 105 DA  A "O3'" 1 
ATOM   89  C "C2'" . DA  A 1 5  ? -14.756 -14.495 1.857   1.00 21.12 ? 105 DA  A "C2'" 1 
ATOM   90  C "C1'" . DA  A 1 5  ? -14.466 -15.246 0.557   1.00 19.96 ? 105 DA  A "C1'" 1 
ATOM   91  N N9    . DA  A 1 5  ? -13.213 -16.013 0.599   1.00 19.25 ? 105 DA  A N9    1 
ATOM   92  C C8    . DA  A 1 5  ? -12.376 -16.155 1.683   1.00 18.90 ? 105 DA  A C8    1 
ATOM   93  N N7    . DA  A 1 5  ? -11.323 -16.902 1.447   1.00 18.70 ? 105 DA  A N7    1 
ATOM   94  C C5    . DA  A 1 5  ? -11.475 -17.279 0.118   1.00 17.79 ? 105 DA  A C5    1 
ATOM   95  C C6    . DA  A 1 5  ? -10.682 -18.074 -0.732  1.00 18.91 ? 105 DA  A C6    1 
ATOM   96  N N6    . DA  A 1 5  ? -9.543  -18.665 -0.347  1.00 15.27 ? 105 DA  A N6    1 
ATOM   97  N N1    . DA  A 1 5  ? -11.103 -18.246 -2.006  1.00 17.95 ? 105 DA  A N1    1 
ATOM   98  C C2    . DA  A 1 5  ? -12.249 -17.662 -2.384  1.00 19.95 ? 105 DA  A C2    1 
ATOM   99  N N3    . DA  A 1 5  ? -13.083 -16.898 -1.677  1.00 17.86 ? 105 DA  A N3    1 
ATOM   100 C C4    . DA  A 1 5  ? -12.632 -16.739 -0.417  1.00 18.84 ? 105 DA  A C4    1 
ATOM   101 P P     . DA  A 1 6  ? -18.201 -12.713 1.482   1.00 21.91 ? 106 DA  A P     1 
ATOM   102 O OP1   . DA  A 1 6  ? -19.469 -13.401 1.135   1.00 22.98 ? 106 DA  A OP1   1 
ATOM   103 O OP2   . DA  A 1 6  ? -17.842 -11.456 0.789   1.00 21.80 ? 106 DA  A OP2   1 
ATOM   104 O "O5'" . DA  A 1 6  ? -18.193 -12.419 3.047   1.00 18.85 ? 106 DA  A "O5'" 1 
ATOM   105 C "C5'" . DA  A 1 6  ? -19.221 -11.614 3.658   1.00 18.28 ? 106 DA  A "C5'" 1 
ATOM   106 C "C4'" . DA  A 1 6  ? -19.414 -12.040 5.090   1.00 17.99 ? 106 DA  A "C4'" 1 
ATOM   107 O "O4'" . DA  A 1 6  ? -19.753 -13.453 5.106   1.00 15.93 ? 106 DA  A "O4'" 1 
ATOM   108 C "C3'" . DA  A 1 6  ? -18.158 -11.952 5.941   1.00 17.76 ? 106 DA  A "C3'" 1 
ATOM   109 O "O3'" . DA  A 1 6  ? -18.017 -10.651 6.503   1.00 20.47 ? 106 DA  A "O3'" 1 
ATOM   110 C "C2'" . DA  A 1 6  ? -18.435 -12.989 7.022   1.00 16.31 ? 106 DA  A "C2'" 1 
ATOM   111 C "C1'" . DA  A 1 6  ? -19.140 -14.079 6.214   1.00 15.67 ? 106 DA  A "C1'" 1 
ATOM   112 N N9    . DA  A 1 6  ? -18.189 -15.062 5.702   1.00 15.41 ? 106 DA  A N9    1 
ATOM   113 C C8    . DA  A 1 6  ? -17.881 -15.372 4.398   1.00 16.16 ? 106 DA  A C8    1 
ATOM   114 N N7    . DA  A 1 6  ? -16.964 -16.301 4.280   1.00 14.78 ? 106 DA  A N7    1 
ATOM   115 C C5    . DA  A 1 6  ? -16.652 -16.624 5.593   1.00 14.89 ? 106 DA  A C5    1 
ATOM   116 C C6    . DA  A 1 6  ? -15.738 -17.523 6.146   1.00 15.18 ? 106 DA  A C6    1 
ATOM   117 N N6    . DA  A 1 6  ? -14.935 -18.293 5.412   1.00 12.94 ? 106 DA  A N6    1 
ATOM   118 N N1    . DA  A 1 6  ? -15.667 -17.600 7.498   1.00 15.30 ? 106 DA  A N1    1 
ATOM   119 C C2    . DA  A 1 6  ? -16.461 -16.808 8.228   1.00 14.26 ? 106 DA  A C2    1 
ATOM   120 N N3    . DA  A 1 6  ? -17.353 -15.910 7.822   1.00 13.64 ? 106 DA  A N3    1 
ATOM   121 C C4    . DA  A 1 6  ? -17.402 -15.871 6.477   1.00 15.85 ? 106 DA  A C4    1 
HETATM 122 C C2    . 0KZ A 1 7  ? -12.884 -15.388 8.873   1.00 26.62 ? 107 0KZ A C2    1 
HETATM 123 N N3    . 0KZ A 1 7  ? -12.520 -15.895 7.627   1.00 24.42 ? 107 0KZ A N3    1 
HETATM 124 C C4    . 0KZ A 1 7  ? -12.990 -15.472 6.369   1.00 27.98 ? 107 0KZ A C4    1 
HETATM 125 C C5    . 0KZ A 1 7  ? -13.968 -14.380 6.378   1.00 25.43 ? 107 0KZ A C5    1 
HETATM 126 C C6    . 0KZ A 1 7  ? -14.326 -13.890 7.562   1.00 25.82 ? 107 0KZ A C6    1 
HETATM 127 C C7    . 0KZ A 1 7  ? -14.546 -13.824 5.131   1.00 25.82 ? 107 0KZ A C7    1 
HETATM 128 P P     . 0KZ A 1 7  ? -16.580 -10.021 6.690   1.00 24.01 ? 107 0KZ A P     1 
HETATM 129 O OP1   . 0KZ A 1 7  ? -16.785 -8.611  7.112   1.00 26.20 ? 107 0KZ A OP1   1 
HETATM 130 O OP2   . 0KZ A 1 7  ? -15.823 -10.297 5.459   1.00 24.49 ? 107 0KZ A OP2   1 
HETATM 131 O "O5'" . 0KZ A 1 7  ? -15.899 -10.835 7.878   1.00 23.75 ? 107 0KZ A "O5'" 1 
HETATM 132 C "C5'" . 0KZ A 1 7  ? -16.345 -10.790 9.238   1.00 22.89 ? 107 0KZ A "C5'" 1 
HETATM 133 C "C4'" . 0KZ A 1 7  ? -15.626 -11.645 10.351  1.00 24.72 ? 107 0KZ A "C4'" 1 
HETATM 134 C "C6'" . 0KZ A 1 7  ? -15.777 -13.145 9.961   1.00 26.15 ? 107 0KZ A "C6'" 1 
HETATM 135 C "C7'" . 0KZ A 1 7  ? -16.122 -12.617 11.392  1.00 26.15 ? 107 0KZ A "C7'" 1 
HETATM 136 C "C1'" . 0KZ A 1 7  ? -14.303 -13.690 10.131  1.00 25.37 ? 107 0KZ A "C1'" 1 
HETATM 137 N N1    . 0KZ A 1 7  ? -13.843 -14.330 8.818   1.00 24.69 ? 107 0KZ A N1    1 
HETATM 138 O O2    . 0KZ A 1 7  ? -12.409 -15.823 9.902   1.00 24.03 ? 107 0KZ A O2    1 
HETATM 139 O O4    . 0KZ A 1 7  ? -12.569 -16.020 5.364   1.00 27.91 ? 107 0KZ A O4    1 
HETATM 140 C "C2'" . 0KZ A 1 7  ? -13.300 -12.510 10.161  1.00 25.78 ? 107 0KZ A "C2'" 1 
HETATM 141 C "C3'" . 0KZ A 1 7  ? -14.122 -11.242 9.951   1.00 24.20 ? 107 0KZ A "C3'" 1 
HETATM 142 O "O3'" . 0KZ A 1 7  ? -13.730 -10.140 10.801  1.00 24.56 ? 107 0KZ A "O3'" 1 
HETATM 143 C C2    . 0KZ A 1 8  ? -8.317  -14.510 8.129   1.00 26.62 ? 108 0KZ A C2    1 
HETATM 144 N N3    . 0KZ A 1 8  ? -8.809  -14.562 6.804   1.00 24.42 ? 108 0KZ A N3    1 
HETATM 145 C C4    . 0KZ A 1 8  ? -9.745  -13.689 6.202   1.00 27.98 ? 108 0KZ A C4    1 
HETATM 146 C C5    . 0KZ A 1 8  ? -10.257 -12.609 7.052   1.00 25.43 ? 108 0KZ A C5    1 
HETATM 147 C C6    . 0KZ A 1 8  ? -9.800  -12.547 8.308   1.00 25.82 ? 108 0KZ A C6    1 
HETATM 148 C C7    . 0KZ A 1 8  ? -11.245 -11.611 6.553   1.00 25.82 ? 108 0KZ A C7    1 
HETATM 149 P P     . 0KZ A 1 8  ? -12.385 -9.304  10.533  1.00 24.01 ? 108 0KZ A P     1 
HETATM 150 O OP1   . 0KZ A 1 8  ? -12.232 -8.186  11.480  1.00 26.20 ? 108 0KZ A OP1   1 
HETATM 151 O OP2   . 0KZ A 1 8  ? -12.612 -9.102  9.087   1.00 24.49 ? 108 0KZ A OP2   1 
HETATM 152 O "O5'" . 0KZ A 1 8  ? -11.183 -10.377 10.650  1.00 23.75 ? 108 0KZ A "O5'" 1 
HETATM 153 C "C5'" . 0KZ A 1 8  ? -10.494 -10.642 11.901  1.00 22.89 ? 108 0KZ A "C5'" 1 
HETATM 154 C "C4'" . 0KZ A 1 8  ? -9.313  -11.701 12.012  1.00 24.72 ? 108 0KZ A "C4'" 1 
HETATM 155 C "C6'" . 0KZ A 1 8  ? -9.694  -12.982 11.232  1.00 26.15 ? 108 0KZ A "C6'" 1 
HETATM 156 C "C7'" . 0KZ A 1 8  ? -9.148  -13.039 12.693  1.00 26.15 ? 108 0KZ A "C7'" 1 
HETATM 157 C "C1'" . 0KZ A 1 8  ? -8.409  -13.264 10.362  1.00 25.37 ? 108 0KZ A "C1'" 1 
HETATM 158 N N1    . 0KZ A 1 8  ? -8.856  -13.435 8.905   1.00 24.69 ? 108 0KZ A N1    1 
HETATM 159 O O2    . 0KZ A 1 8  ? -7.514  -15.318 8.538   1.00 24.03 ? 108 0KZ A O2    1 
HETATM 160 O O4    . 0KZ A 1 8  ? -10.072 -13.872 5.038   1.00 27.91 ? 108 0KZ A O4    1 
HETATM 161 C "C2'" . 0KZ A 1 8  ? -7.543  -11.958 10.294  1.00 25.78 ? 108 0KZ A "C2'" 1 
HETATM 162 C "C3'" . 0KZ A 1 8  ? -8.313  -10.887 11.089  1.00 24.20 ? 108 0KZ A "C3'" 1 
HETATM 163 O "O3'" . 0KZ A 1 8  ? -7.523  -10.081 12.000  1.00 24.56 ? 108 0KZ A "O3'" 1 
ATOM   164 P P     . DC  A 1 9  ? -6.586  -8.966  11.406  1.00 27.81 ? 109 DC  A P     1 
ATOM   165 O OP1   . DC  A 1 9  ? -5.451  -9.652  10.743  1.00 26.16 ? 109 DC  A OP1   1 
ATOM   166 O OP2   . DC  A 1 9  ? -6.316  -7.995  12.489  1.00 26.55 ? 109 DC  A OP2   1 
ATOM   167 O "O5'" . DC  A 1 9  ? -7.464  -8.207  10.312  1.00 25.79 ? 109 DC  A "O5'" 1 
ATOM   168 C "C5'" . DC  A 1 9  ? -7.110  -6.897  9.824   1.00 25.85 ? 109 DC  A "C5'" 1 
ATOM   169 C "C4'" . DC  A 1 9  ? -7.744  -6.656  8.466   1.00 24.86 ? 109 DC  A "C4'" 1 
ATOM   170 O "O4'" . DC  A 1 9  ? -7.076  -7.491  7.479   1.00 25.41 ? 109 DC  A "O4'" 1 
ATOM   171 C "C3'" . DC  A 1 9  ? -9.235  -6.983  8.363   1.00 23.88 ? 109 DC  A "C3'" 1 
ATOM   172 O "O3'" . DC  A 1 9  ? -9.867  -6.130  7.415   1.00 24.88 ? 109 DC  A "O3'" 1 
ATOM   173 C "C2'" . DC  A 1 9  ? -9.216  -8.404  7.806   1.00 24.88 ? 109 DC  A "C2'" 1 
ATOM   174 C "C1'" . DC  A 1 9  ? -8.022  -8.335  6.855   1.00 24.01 ? 109 DC  A "C1'" 1 
ATOM   175 N N1    . DC  A 1 9  ? -7.384  -9.634  6.597   1.00 23.85 ? 109 DC  A N1    1 
ATOM   176 C C2    . DC  A 1 9  ? -7.805  -10.371 5.489   1.00 22.12 ? 109 DC  A C2    1 
ATOM   177 O O2    . DC  A 1 9  ? -8.701  -9.901  4.770   1.00 20.55 ? 109 DC  A O2    1 
ATOM   178 N N3    . DC  A 1 9  ? -7.232  -11.573 5.233   1.00 24.64 ? 109 DC  A N3    1 
ATOM   179 C C4    . DC  A 1 9  ? -6.276  -12.041 6.043   1.00 24.41 ? 109 DC  A C4    1 
ATOM   180 N N4    . DC  A 1 9  ? -5.744  -13.233 5.763   1.00 23.70 ? 109 DC  A N4    1 
ATOM   181 C C5    . DC  A 1 9  ? -5.826  -11.304 7.179   1.00 24.53 ? 109 DC  A C5    1 
ATOM   182 C C6    . DC  A 1 9  ? -6.401  -10.116 7.416   1.00 22.72 ? 109 DC  A C6    1 
ATOM   183 P P     . DG  A 1 10 ? -10.647 -4.818  7.912   1.00 25.72 ? 110 DG  A P     1 
ATOM   184 O OP1   . DG  A 1 10 ? -11.284 -5.127  9.209   1.00 27.24 ? 110 DG  A OP1   1 
ATOM   185 O OP2   . DG  A 1 10 ? -11.474 -4.332  6.784   1.00 23.39 ? 110 DG  A OP2   1 
ATOM   186 O "O5'" . DG  A 1 10 ? -9.493  -3.747  8.138   1.00 25.96 ? 110 DG  A "O5'" 1 
ATOM   187 C "C5'" . DG  A 1 10 ? -8.819  -3.158  7.012   1.00 25.35 ? 110 DG  A "C5'" 1 
ATOM   188 C "C4'" . DG  A 1 10 ? -7.617  -2.370  7.472   1.00 23.55 ? 110 DG  A "C4'" 1 
ATOM   189 O "O4'" . DG  A 1 10 ? -6.843  -3.162  8.401   1.00 22.78 ? 110 DG  A "O4'" 1 
ATOM   190 C "C3'" . DG  A 1 10 ? -6.660  -2.004  6.351   1.00 24.28 ? 110 DG  A "C3'" 1 
ATOM   191 O "O3'" . DG  A 1 10 ? -7.104  -0.765  5.797   1.00 25.57 ? 110 DG  A "O3'" 1 
ATOM   192 C "C2'" . DG  A 1 10 ? -5.320  -1.872  7.077   1.00 23.71 ? 110 DG  A "C2'" 1 
ATOM   193 C "C1'" . DG  A 1 10 ? -5.472  -2.872  8.233   1.00 22.82 ? 110 DG  A "C1'" 1 
ATOM   194 N N9    . DG  A 1 10 ? -4.741  -4.135  8.192   1.00 23.48 ? 110 DG  A N9    1 
ATOM   195 C C8    . DG  A 1 10 ? -3.876  -4.595  9.151   1.00 23.72 ? 110 DG  A C8    1 
ATOM   196 N N7    . DG  A 1 10 ? -3.413  -5.788  8.899   1.00 24.36 ? 110 DG  A N7    1 
ATOM   197 C C5    . DG  A 1 10 ? -3.994  -6.133  7.685   1.00 23.19 ? 110 DG  A C5    1 
ATOM   198 C C6    . DG  A 1 10 ? -3.866  -7.315  6.916   1.00 22.27 ? 110 DG  A C6    1 
ATOM   199 O O6    . DG  A 1 10 ? -3.197  -8.325  7.160   1.00 23.19 ? 110 DG  A O6    1 
ATOM   200 N N1    . DG  A 1 10 ? -4.632  -7.252  5.751   1.00 23.11 ? 110 DG  A N1    1 
ATOM   201 C C2    . DG  A 1 10 ? -5.425  -6.193  5.384   1.00 20.85 ? 110 DG  A C2    1 
ATOM   202 N N2    . DG  A 1 10 ? -6.113  -6.338  4.232   1.00 20.25 ? 110 DG  A N2    1 
ATOM   203 N N3    . DG  A 1 10 ? -5.546  -5.078  6.094   1.00 22.35 ? 110 DG  A N3    1 
ATOM   204 C C4    . DG  A 1 10 ? -4.808  -5.119  7.227   1.00 22.76 ? 110 DG  A C4    1 
ATOM   205 P P     . DC  A 1 11 ? -7.379  -0.637  4.221   1.00 27.50 ? 111 DC  A P     1 
ATOM   206 O OP1   . DC  A 1 11 ? -7.663  0.787   3.932   1.00 29.36 ? 111 DC  A OP1   1 
ATOM   207 O OP2   . DC  A 1 11 ? -8.366  -1.672  3.802   1.00 28.76 ? 111 DC  A OP2   1 
ATOM   208 O "O5'" . DC  A 1 11 ? -5.966  -1.000  3.583   1.00 25.63 ? 111 DC  A "O5'" 1 
ATOM   209 C "C5'" . DC  A 1 11 ? -5.476  -0.304  2.435   1.00 22.81 ? 111 DC  A "C5'" 1 
ATOM   210 C "C4'" . DC  A 1 11 ? -4.964  -1.291  1.419   1.00 22.02 ? 111 DC  A "C4'" 1 
ATOM   211 O "O4'" . DC  A 1 11 ? -3.761  -1.934  1.924   1.00 21.65 ? 111 DC  A "O4'" 1 
ATOM   212 C "C3'" . DC  A 1 11 ? -5.937  -2.416  1.082   1.00 21.92 ? 111 DC  A "C3'" 1 
ATOM   213 O "O3'" . DC  A 1 11 ? -5.799  -2.750  -0.289  1.00 23.41 ? 111 DC  A "O3'" 1 
ATOM   214 C "C2'" . DC  A 1 11 ? -5.434  -3.568  1.949   1.00 19.89 ? 111 DC  A "C2'" 1 
ATOM   215 C "C1'" . DC  A 1 11 ? -3.926  -3.338  1.885   1.00 20.39 ? 111 DC  A "C1'" 1 
ATOM   216 N N1    . DC  A 1 11 ? -3.166  -3.941  2.992   1.00 19.09 ? 111 DC  A N1    1 
ATOM   217 C C2    . DC  A 1 11 ? -2.683  -5.247  2.838   1.00 19.23 ? 111 DC  A C2    1 
ATOM   218 O O2    . DC  A 1 11 ? -2.925  -5.855  1.788   1.00 17.98 ? 111 DC  A O2    1 
ATOM   219 N N3    . DC  A 1 11 ? -1.971  -5.812  3.835   1.00 18.82 ? 111 DC  A N3    1 
ATOM   220 C C4    . DC  A 1 11 ? -1.737  -5.129  4.956   1.00 21.92 ? 111 DC  A C4    1 
ATOM   221 N N4    . DC  A 1 11 ? -1.020  -5.731  5.914   1.00 21.58 ? 111 DC  A N4    1 
ATOM   222 C C5    . DC  A 1 11 ? -2.224  -3.801  5.145   1.00 20.28 ? 111 DC  A C5    1 
ATOM   223 C C6    . DC  A 1 11 ? -2.926  -3.250  4.146   1.00 20.72 ? 111 DC  A C6    1 
ATOM   224 P P     . DG  A 1 12 ? -6.797  -2.104  -1.366  1.00 26.13 ? 112 DG  A P     1 
ATOM   225 O OP1   . DG  A 1 12 ? -8.187  -2.261  -0.861  1.00 28.28 ? 112 DG  A OP1   1 
ATOM   226 O OP2   . DG  A 1 12 ? -6.425  -2.659  -2.690  1.00 27.11 ? 112 DG  A OP2   1 
ATOM   227 O "O5'" . DG  A 1 12 ? -6.427  -0.551  -1.347  1.00 26.80 ? 112 DG  A "O5'" 1 
ATOM   228 C "C5'" . DG  A 1 12 ? -5.295  -0.050  -2.094  1.00 25.81 ? 112 DG  A "C5'" 1 
ATOM   229 C "C4'" . DG  A 1 12 ? -5.222  1.454   -1.982  1.00 26.93 ? 112 DG  A "C4'" 1 
ATOM   230 O "O4'" . DG  A 1 12 ? -4.945  1.805   -0.599  1.00 23.21 ? 112 DG  A "O4'" 1 
ATOM   231 C "C3'" . DG  A 1 12 ? -4.121  2.121   -2.803  1.00 27.74 ? 112 DG  A "C3'" 1 
ATOM   232 O "O3'" . DG  A 1 12 ? -4.506  3.476   -3.086  1.00 31.10 ? 112 DG  A "O3'" 1 
ATOM   233 C "C2'" . DG  A 1 12 ? -2.966  2.192   -1.813  1.00 26.94 ? 112 DG  A "C2'" 1 
ATOM   234 C "C1'" . DG  A 1 12 ? -3.711  2.494   -0.516  1.00 24.46 ? 112 DG  A "C1'" 1 
ATOM   235 N N9    . DG  A 1 12 ? -3.020  2.057   0.695   1.00 21.15 ? 112 DG  A N9    1 
ATOM   236 C C8    . DG  A 1 12 ? -2.932  2.740   1.881   1.00 18.48 ? 112 DG  A C8    1 
ATOM   237 N N7    . DG  A 1 12 ? -2.259  2.098   2.795   1.00 16.45 ? 112 DG  A N7    1 
ATOM   238 C C5    . DG  A 1 12 ? -1.873  0.919   2.173   1.00 17.65 ? 112 DG  A C5    1 
ATOM   239 C C6    . DG  A 1 12 ? -1.120  -0.173  2.665   1.00 17.23 ? 112 DG  A C6    1 
ATOM   240 O O6    . DG  A 1 12 ? -0.621  -0.325  3.780   1.00 18.07 ? 112 DG  A O6    1 
ATOM   241 N N1    . DG  A 1 12 ? -0.971  -1.165  1.706   1.00 15.48 ? 112 DG  A N1    1 
ATOM   242 C C2    . DG  A 1 12 ? -1.479  -1.116  0.438   1.00 17.10 ? 112 DG  A C2    1 
ATOM   243 N N2    . DG  A 1 12 ? -1.241  -2.187  -0.331  1.00 16.52 ? 112 DG  A N2    1 
ATOM   244 N N3    . DG  A 1 12 ? -2.175  -0.099  -0.041  1.00 16.53 ? 112 DG  A N3    1 
ATOM   245 C C4    . DG  A 1 12 ? -2.334  0.876   0.876   1.00 19.09 ? 112 DG  A C4    1 
ATOM   246 O "O5'" . DC  B 1 1  ? -3.704  8.941   1.202   1.00 21.80 ? 201 DC  B "O5'" 1 
ATOM   247 C "C5'" . DC  B 1 1  ? -3.036  9.661   0.157   1.00 18.65 ? 201 DC  B "C5'" 1 
ATOM   248 C "C4'" . DC  B 1 1  ? -2.411  8.698   -0.831  1.00 18.17 ? 201 DC  B "C4'" 1 
ATOM   249 O "O4'" . DC  B 1 1  ? -1.340  7.955   -0.180  1.00 18.34 ? 201 DC  B "O4'" 1 
ATOM   250 C "C3'" . DC  B 1 1  ? -3.338  7.647   -1.438  1.00 17.96 ? 201 DC  B "C3'" 1 
ATOM   251 O "O3'" . DC  B 1 1  ? -2.914  7.384   -2.774  1.00 17.63 ? 201 DC  B "O3'" 1 
ATOM   252 C "C2'" . DC  B 1 1  ? -3.024  6.411   -0.596  1.00 16.97 ? 201 DC  B "C2'" 1 
ATOM   253 C "C1'" . DC  B 1 1  ? -1.519  6.577   -0.428  1.00 17.67 ? 201 DC  B "C1'" 1 
ATOM   254 N N1    . DC  B 1 1  ? -0.896  5.805   0.656   1.00 17.97 ? 201 DC  B N1    1 
ATOM   255 C C2    . DC  B 1 1  ? -0.284  4.588   0.336   1.00 17.52 ? 201 DC  B C2    1 
ATOM   256 O O2    . DC  B 1 1  ? -0.301  4.202   -0.846  1.00 17.27 ? 201 DC  B O2    1 
ATOM   257 N N3    . DC  B 1 1  ? 0.302   3.867   1.312   1.00 18.02 ? 201 DC  B N3    1 
ATOM   258 C C4    . DC  B 1 1  ? 0.280   4.308   2.572   1.00 18.11 ? 201 DC  B C4    1 
ATOM   259 N N4    . DC  B 1 1  ? 0.851   3.545   3.510   1.00 18.73 ? 201 DC  B N4    1 
ATOM   260 C C5    . DC  B 1 1  ? -0.336  5.544   2.929   1.00 17.81 ? 201 DC  B C5    1 
ATOM   261 C C6    . DC  B 1 1  ? -0.907  6.255   1.946   1.00 17.89 ? 201 DC  B C6    1 
ATOM   262 P P     . DG  B 1 2  ? -3.785  7.918   -4.016  1.00 19.27 ? 202 DG  B P     1 
ATOM   263 O OP1   . DG  B 1 2  ? -5.224  7.750   -3.682  1.00 16.54 ? 202 DG  B OP1   1 
ATOM   264 O OP2   . DG  B 1 2  ? -3.243  7.301   -5.252  1.00 20.49 ? 202 DG  B OP2   1 
ATOM   265 O "O5'" . DG  B 1 2  ? -3.473  9.477   -4.060  1.00 19.38 ? 202 DG  B "O5'" 1 
ATOM   266 C "C5'" . DG  B 1 2  ? -2.203  9.948   -4.521  1.00 18.21 ? 202 DG  B "C5'" 1 
ATOM   267 C "C4'" . DG  B 1 2  ? -1.991  11.377  -4.099  1.00 16.59 ? 202 DG  B "C4'" 1 
ATOM   268 O "O4'" . DG  B 1 2  ? -2.080  11.490  -2.663  1.00 18.08 ? 202 DG  B "O4'" 1 
ATOM   269 C "C3'" . DG  B 1 2  ? -0.624  11.928  -4.451  1.00 17.59 ? 202 DG  B "C3'" 1 
ATOM   270 O "O3'" . DG  B 1 2  ? -0.734  12.418  -5.780  1.00 20.46 ? 202 DG  B "O3'" 1 
ATOM   271 C "C2'" . DG  B 1 2  ? -0.428  13.037  -3.419  1.00 20.33 ? 202 DG  B "C2'" 1 
ATOM   272 C "C1'" . DG  B 1 2  ? -1.195  12.489  -2.210  1.00 19.79 ? 202 DG  B "C1'" 1 
ATOM   273 N N9    . DG  B 1 2  ? -0.435  11.954  -1.083  1.00 19.35 ? 202 DG  B N9    1 
ATOM   274 C C8    . DG  B 1 2  ? -0.302  12.539  0.152   1.00 19.18 ? 202 DG  B C8    1 
ATOM   275 N N7    . DG  B 1 2  ? 0.378   11.815  0.995   1.00 21.26 ? 202 DG  B N7    1 
ATOM   276 C C5    . DG  B 1 2  ? 0.730   10.684  0.272   1.00 20.27 ? 202 DG  B C5    1 
ATOM   277 C C6    . DG  B 1 2  ? 1.463   9.539   0.669   1.00 20.01 ? 202 DG  B C6    1 
ATOM   278 O O6    . DG  B 1 2  ? 1.958   9.285   1.780   1.00 22.09 ? 202 DG  B O6    1 
ATOM   279 N N1    . DG  B 1 2  ? 1.596   8.630   -0.377  1.00 18.87 ? 202 DG  B N1    1 
ATOM   280 C C2    . DG  B 1 2  ? 1.087   8.801   -1.642  1.00 16.13 ? 202 DG  B C2    1 
ATOM   281 N N2    . DG  B 1 2  ? 1.332   7.810   -2.515  1.00 15.03 ? 202 DG  B N2    1 
ATOM   282 N N3    . DG  B 1 2  ? 0.392   9.864   -2.024  1.00 18.34 ? 202 DG  B N3    1 
ATOM   283 C C4    . DG  B 1 2  ? 0.253   10.761  -1.022  1.00 19.62 ? 202 DG  B C4    1 
ATOM   284 P P     . DC  B 1 3  ? 0.571   12.911  -6.567  1.00 23.60 ? 203 DC  B P     1 
ATOM   285 O OP1   . DC  B 1 3  ? 1.214   13.959  -5.725  1.00 22.78 ? 203 DC  B OP1   1 
ATOM   286 O OP2   . DC  B 1 3  ? 0.187   13.227  -7.960  1.00 22.54 ? 203 DC  B OP2   1 
ATOM   287 O "O5'" . DC  B 1 3  ? 1.508   11.623  -6.599  1.00 20.68 ? 203 DC  B "O5'" 1 
ATOM   288 C "C5'" . DC  B 1 3  ? 2.544   11.508  -7.584  1.00 19.83 ? 203 DC  B "C5'" 1 
ATOM   289 C "C4'" . DC  B 1 3  ? 3.441   10.337  -7.273  1.00 18.41 ? 203 DC  B "C4'" 1 
ATOM   290 O "O4'" . DC  B 1 3  ? 4.189   10.598  -6.049  1.00 16.63 ? 203 DC  B "O4'" 1 
ATOM   291 C "C3'" . DC  B 1 3  ? 2.732   9.005   -7.059  1.00 16.71 ? 203 DC  B "C3'" 1 
ATOM   292 O "O3'" . DC  B 1 3  ? 3.568   7.965   -7.537  1.00 17.45 ? 203 DC  B "O3'" 1 
ATOM   293 C "C2'" . DC  B 1 3  ? 2.662   8.905   -5.540  1.00 17.15 ? 203 DC  B "C2'" 1 
ATOM   294 C "C1'" . DC  B 1 3  ? 4.003   9.518   -5.154  1.00 16.10 ? 203 DC  B "C1'" 1 
ATOM   295 N N1    . DC  B 1 3  ? 4.047   10.026  -3.778  1.00 17.07 ? 203 DC  B N1    1 
ATOM   296 C C2    . DC  B 1 3  ? 4.716   9.272   -2.816  1.00 17.68 ? 203 DC  B C2    1 
ATOM   297 O O2    . DC  B 1 3  ? 5.283   8.215   -3.167  1.00 16.67 ? 203 DC  B O2    1 
ATOM   298 N N3    . DC  B 1 3  ? 4.738   9.710   -1.534  1.00 19.56 ? 203 DC  B N3    1 
ATOM   299 C C4    . DC  B 1 3  ? 4.137   10.857  -1.208  1.00 19.26 ? 203 DC  B C4    1 
ATOM   300 N N4    . DC  B 1 3  ? 4.179   11.246  0.074   1.00 20.22 ? 203 DC  B N4    1 
ATOM   301 C C5    . DC  B 1 3  ? 3.466   11.655  -2.177  1.00 18.43 ? 203 DC  B C5    1 
ATOM   302 C C6    . DC  B 1 3  ? 3.442   11.205  -3.440  1.00 16.11 ? 203 DC  B C6    1 
ATOM   303 P P     . DG  B 1 4  ? 3.326   7.365   -9.001  1.00 21.15 ? 204 DG  B P     1 
ATOM   304 O OP1   . DG  B 1 4  ? 1.871   7.335   -9.273  1.00 21.78 ? 204 DG  B OP1   1 
ATOM   305 O OP2   . DG  B 1 4  ? 4.127   6.102   -9.073  1.00 18.40 ? 204 DG  B OP2   1 
ATOM   306 O "O5'" . DG  B 1 4  ? 3.978   8.438   -9.974  1.00 22.30 ? 204 DG  B "O5'" 1 
ATOM   307 C "C5'" . DG  B 1 4  ? 5.403   8.563   -10.079 1.00 22.13 ? 204 DG  B "C5'" 1 
ATOM   308 C "C4'" . DG  B 1 4  ? 5.754   9.797   -10.865 1.00 21.81 ? 204 DG  B "C4'" 1 
ATOM   309 O "O4'" . DG  B 1 4  ? 5.005   10.917  -10.351 1.00 21.32 ? 204 DG  B "O4'" 1 
ATOM   310 C "C3'" . DG  B 1 4  ? 7.213   10.197  -10.774 1.00 22.77 ? 204 DG  B "C3'" 1 
ATOM   311 O "O3'" . DG  B 1 4  ? 7.866   9.580   -11.874 1.00 25.67 ? 204 DG  B "O3'" 1 
ATOM   312 C "C2'" . DG  B 1 4  ? 7.166   11.709  -10.994 1.00 22.34 ? 204 DG  B "C2'" 1 
ATOM   313 C "C1'" . DG  B 1 4  ? 5.775   12.089  -10.473 1.00 19.85 ? 204 DG  B "C1'" 1 
ATOM   314 N N9    . DG  B 1 4  ? 5.680   12.808  -9.211  1.00 20.88 ? 204 DG  B N9    1 
ATOM   315 C C8    . DG  B 1 4  ? 5.031   13.998  -8.991  1.00 20.75 ? 204 DG  B C8    1 
ATOM   316 N N7    . DG  B 1 4  ? 5.029   14.356  -7.738  1.00 21.74 ? 204 DG  B N7    1 
ATOM   317 C C5    . DG  B 1 4  ? 5.735   13.348  -7.093  1.00 20.99 ? 204 DG  B C5    1 
ATOM   318 C C6    . DG  B 1 4  ? 6.039   13.176  -5.723  1.00 21.44 ? 204 DG  B C6    1 
ATOM   319 O O6    . DG  B 1 4  ? 5.715   13.892  -4.767  1.00 22.02 ? 204 DG  B O6    1 
ATOM   320 N N1    . DG  B 1 4  ? 6.790   12.022  -5.506  1.00 21.32 ? 204 DG  B N1    1 
ATOM   321 C C2    . DG  B 1 4  ? 7.179   11.138  -6.481  1.00 20.16 ? 204 DG  B C2    1 
ATOM   322 N N2    . DG  B 1 4  ? 7.895   10.077  -6.073  1.00 22.07 ? 204 DG  B N2    1 
ATOM   323 N N3    . DG  B 1 4  ? 6.886   11.280  -7.765  1.00 22.22 ? 204 DG  B N3    1 
ATOM   324 C C4    . DG  B 1 4  ? 6.167   12.400  -7.995  1.00 20.54 ? 204 DG  B C4    1 
ATOM   325 P P     . DA  B 1 5  ? 8.703   8.218   -11.681 1.00 26.52 ? 205 DA  B P     1 
ATOM   326 O OP1   . DA  B 1 5  ? 8.281   7.310   -12.788 1.00 29.28 ? 205 DA  B OP1   1 
ATOM   327 O OP2   . DA  B 1 5  ? 8.652   7.735   -10.279 1.00 27.32 ? 205 DA  B OP2   1 
ATOM   328 O "O5'" . DA  B 1 5  ? 10.196  8.667   -11.996 1.00 25.24 ? 205 DA  B "O5'" 1 
ATOM   329 C "C5'" . DA  B 1 5  ? 10.937  9.475   -11.071 1.00 23.39 ? 205 DA  B "C5'" 1 
ATOM   330 C "C4'" . DA  B 1 5  ? 11.631  10.591  -11.807 1.00 21.77 ? 205 DA  B "C4'" 1 
ATOM   331 O "O4'" . DA  B 1 5  ? 10.660  11.647  -12.089 1.00 21.70 ? 205 DA  B "O4'" 1 
ATOM   332 C "C3'" . DA  B 1 5  ? 12.766  11.257  -11.034 1.00 19.92 ? 205 DA  B "C3'" 1 
ATOM   333 O "O3'" . DA  B 1 5  ? 13.848  11.539  -11.899 1.00 19.54 ? 205 DA  B "O3'" 1 
ATOM   334 C "C2'" . DA  B 1 5  ? 12.138  12.550  -10.524 1.00 19.82 ? 205 DA  B "C2'" 1 
ATOM   335 C "C1'" . DA  B 1 5  ? 11.171  12.890  -11.653 1.00 19.33 ? 205 DA  B "C1'" 1 
ATOM   336 N N9    . DA  B 1 5  ? 10.058  13.737  -11.211 1.00 17.83 ? 205 DA  B N9    1 
ATOM   337 C C8    . DA  B 1 5  ? 9.863   14.258  -9.952  1.00 17.71 ? 205 DA  B C8    1 
ATOM   338 N N7    . DA  B 1 5  ? 8.778   14.992  -9.842  1.00 16.49 ? 205 DA  B N7    1 
ATOM   339 C C5    . DA  B 1 5  ? 8.218   14.950  -11.112 1.00 17.26 ? 205 DA  B C5    1 
ATOM   340 C C6    . DA  B 1 5  ? 7.049   15.527  -11.651 1.00 16.90 ? 205 DA  B C6    1 
ATOM   341 N N6    . DA  B 1 5  ? 6.210   16.304  -10.956 1.00 16.29 ? 205 DA  B N6    1 
ATOM   342 N N1    . DA  B 1 5  ? 6.771   15.279  -12.951 1.00 17.58 ? 205 DA  B N1    1 
ATOM   343 C C2    . DA  B 1 5  ? 7.621   14.517  -13.654 1.00 17.62 ? 205 DA  B C2    1 
ATOM   344 N N3    . DA  B 1 5  ? 8.750   13.928  -13.264 1.00 17.72 ? 205 DA  B N3    1 
ATOM   345 C C4    . DA  B 1 5  ? 8.995   14.180  -11.965 1.00 18.38 ? 205 DA  B C4    1 
ATOM   346 P P     . DA  B 1 6  ? 15.077  10.509  -11.981 1.00 21.75 ? 206 DA  B P     1 
ATOM   347 O OP1   . DA  B 1 6  ? 15.996  10.992  -13.045 1.00 23.62 ? 206 DA  B OP1   1 
ATOM   348 O OP2   . DA  B 1 6  ? 14.505  9.149   -12.074 1.00 24.66 ? 206 DA  B OP2   1 
ATOM   349 O "O5'" . DA  B 1 6  ? 15.792  10.649  -10.563 1.00 20.80 ? 206 DA  B "O5'" 1 
ATOM   350 C "C5'" . DA  B 1 6  ? 17.038  9.977   -10.289 1.00 19.82 ? 206 DA  B "C5'" 1 
ATOM   351 C "C4'" . DA  B 1 6  ? 17.897  10.826  -9.383  1.00 19.50 ? 206 DA  B "C4'" 1 
ATOM   352 O "O4'" . DA  B 1 6  ? 18.080  12.130  -10.003 1.00 17.23 ? 206 DA  B "O4'" 1 
ATOM   353 C "C3'" . DA  B 1 6  ? 17.304  11.140  -8.017  1.00 20.50 ? 206 DA  B "C3'" 1 
ATOM   354 O "O3'" . DA  B 1 6  ? 17.591  10.128  -7.051  1.00 22.64 ? 206 DA  B "O3'" 1 
ATOM   355 C "C2'" . DA  B 1 6  ? 18.030  12.427  -7.645  1.00 17.71 ? 206 DA  B "C2'" 1 
ATOM   356 C "C1'" . DA  B 1 6  ? 18.112  13.133  -9.002  1.00 17.29 ? 206 DA  B "C1'" 1 
ATOM   357 N N9    . DA  B 1 6  ? 16.983  14.034  -9.222  1.00 16.17 ? 206 DA  B N9    1 
ATOM   358 C C8    . DA  B 1 6  ? 16.064  14.005  -10.245 1.00 17.15 ? 206 DA  B C8    1 
ATOM   359 N N7    . DA  B 1 6  ? 15.154  14.946  -10.167 1.00 16.26 ? 206 DA  B N7    1 
ATOM   360 C C5    . DA  B 1 6  ? 15.502  15.646  -9.020  1.00 14.78 ? 206 DA  B C5    1 
ATOM   361 C C6    . DA  B 1 6  ? 14.933  16.762  -8.395  1.00 15.68 ? 206 DA  B C6    1 
ATOM   362 N N6    . DA  B 1 6  ? 13.852  17.392  -8.863  1.00 15.80 ? 206 DA  B N6    1 
ATOM   363 N N1    . DA  B 1 6  ? 15.520  17.215  -7.261  1.00 16.18 ? 206 DA  B N1    1 
ATOM   364 C C2    . DA  B 1 6  ? 16.600  16.578  -6.801  1.00 15.19 ? 206 DA  B C2    1 
ATOM   365 N N3    . DA  B 1 6  ? 17.231  15.517  -7.302  1.00 15.99 ? 206 DA  B N3    1 
ATOM   366 C C4    . DA  B 1 6  ? 16.624  15.095  -8.428  1.00 17.32 ? 206 DA  B C4    1 
HETATM 367 C C2    . 0KZ B 1 7  ? 13.541  15.600  -4.683  1.00 27.11 ? 207 0KZ B C2    1 
HETATM 368 N N3    . 0KZ B 1 7  ? 12.652  15.509  -5.793  1.00 24.91 ? 207 0KZ B N3    1 
HETATM 369 C C4    . 0KZ B 1 7  ? 12.668  14.537  -6.820  1.00 28.47 ? 207 0KZ B C4    1 
HETATM 370 C C5    . 0KZ B 1 7  ? 13.714  13.527  -6.721  1.00 25.92 ? 207 0KZ B C5    1 
HETATM 371 C C6    . 0KZ B 1 7  ? 14.558  13.600  -5.687  1.00 26.31 ? 207 0KZ B C6    1 
HETATM 372 C C7    . 0KZ B 1 7  ? 13.850  12.443  -7.728  1.00 26.31 ? 207 0KZ B C7    1 
HETATM 373 P P     . 0KZ B 1 7  ? 16.492  9.700   -5.990  1.00 24.50 ? 207 0KZ B P     1 
HETATM 374 O OP1   . 0KZ B 1 7  ? 17.037  8.544   -5.247  1.00 26.69 ? 207 0KZ B OP1   1 
HETATM 375 O OP2   . 0KZ B 1 7  ? 15.220  9.558   -6.725  1.00 24.98 ? 207 0KZ B OP2   1 
HETATM 376 O "O5'" . 0KZ B 1 7  ? 16.363  10.935  -4.987  1.00 24.24 ? 207 0KZ B "O5'" 1 
HETATM 377 C "C5'" . 0KZ B 1 7  ? 17.390  11.367  -4.078  1.00 23.38 ? 207 0KZ B "C5'" 1 
HETATM 378 C "C4'" . 0KZ B 1 7  ? 17.158  12.633  -3.152  1.00 25.21 ? 207 0KZ B "C4'" 1 
HETATM 379 C "C6'" . 0KZ B 1 7  ? 16.919  13.853  -4.092  1.00 26.64 ? 207 0KZ B "C6'" 1 
HETATM 380 C "C7'" . 0KZ B 1 7  ? 17.935  13.906  -2.906  1.00 26.64 ? 207 0KZ B "C7'" 1 
HETATM 381 C "C1'" . 0KZ B 1 7  ? 15.596  14.518  -3.499  1.00 25.86 ? 207 0KZ B "C1'" 1 
HETATM 382 N N1    . 0KZ B 1 7  ? 14.549  14.568  -4.652  1.00 25.18 ? 207 0KZ B N1    1 
HETATM 383 O O2    . 0KZ B 1 7  ? 13.433  16.475  -3.854  1.00 24.52 ? 207 0KZ B O2    1 
HETATM 384 O O4    . 0KZ B 1 7  ? 11.832  14.579  -7.722  1.00 28.40 ? 207 0KZ B O4    1 
HETATM 385 C "C2'" . 0KZ B 1 7  ? 14.899  13.493  -2.545  1.00 26.27 ? 207 0KZ B "C2'" 1 
HETATM 386 C "C3'" . 0KZ B 1 7  ? 15.724  12.199  -2.612  1.00 24.69 ? 207 0KZ B "C3'" 1 
HETATM 387 O "O3'" . 0KZ B 1 7  ? 15.969  11.506  -1.353  1.00 25.05 ? 207 0KZ B "O3'" 1 
HETATM 388 C C2    . 0KZ B 1 8  ? 9.621   15.063  -2.114  1.00 27.11 ? 208 0KZ B C2    1 
HETATM 389 N N3    . 0KZ B 1 8  ? 9.406   14.641  -3.451  1.00 24.91 ? 208 0KZ B N3    1 
HETATM 390 C C4    . 0KZ B 1 8  ? 10.042  13.577  -4.126  1.00 28.47 ? 208 0KZ B C4    1 
HETATM 391 C C5    . 0KZ B 1 8  ? 11.031  12.826  -3.350  1.00 25.92 ? 208 0KZ B C5    1 
HETATM 392 C C6    . 0KZ B 1 8  ? 11.247  13.214  -2.084  1.00 26.31 ? 208 0KZ B C6    1 
HETATM 393 C C7    . 0KZ B 1 8  ? 11.777  11.671  -3.936  1.00 26.31 ? 208 0KZ B C7    1 
HETATM 394 P P     . 0KZ B 1 8  ? 14.826  10.693  -0.571  1.00 24.50 ? 208 0KZ B P     1 
HETATM 395 O OP1   . 0KZ B 1 8  ? 15.342  9.992   0.627   1.00 26.69 ? 208 0KZ B OP1   1 
HETATM 396 O OP2   . 0KZ B 1 8  ? 14.297  9.974   -1.749  1.00 24.98 ? 208 0KZ B OP2   1 
HETATM 397 O "O5'" . 0KZ B 1 8  ? 13.728  11.805  -0.206  1.00 24.24 ? 208 0KZ B "O5'" 1 
HETATM 398 C "C5'" . 0KZ B 1 8  ? 13.776  12.535  1.041   1.00 23.38 ? 208 0KZ B "C5'" 1 
HETATM 399 C "C4'" . 0KZ B 1 8  ? 12.709  13.646  1.411   1.00 25.21 ? 208 0KZ B "C4'" 1 
HETATM 400 C "C6'" . 0KZ B 1 8  ? 12.509  14.592  0.197   1.00 26.64 ? 208 0KZ B "C6'" 1 
HETATM 401 C "C7'" . 0KZ B 1 8  ? 12.758  15.138  1.641   1.00 26.64 ? 208 0KZ B "C7'" 1 
HETATM 402 C "C1'" . 0KZ B 1 8  ? 10.938  14.651  0.054   1.00 25.86 ? 208 0KZ B "C1'" 1 
HETATM 403 N N1    . 0KZ B 1 8  ? 10.603  14.293  -1.410  1.00 25.18 ? 208 0KZ B N1    1 
HETATM 404 O O2    . 0KZ B 1 8  ? 9.008   16.002  -1.638  1.00 24.52 ? 208 0KZ B O2    1 
HETATM 405 O O4    . 0KZ B 1 8  ? 9.745   13.339  -5.292  1.00 28.40 ? 208 0KZ B O4    1 
HETATM 406 C "C2'" . 0KZ B 1 8  ? 10.312  13.447  0.848   1.00 26.27 ? 208 0KZ B "C2'" 1 
HETATM 407 C "C3'" . 0KZ B 1 8  ? 11.492  12.642  1.427   1.00 24.69 ? 208 0KZ B "C3'" 1 
HETATM 408 O "O3'" . 0KZ B 1 8  ? 11.378  12.234  2.806   1.00 25.05 ? 208 0KZ B "O3'" 1 
ATOM   409 P P     . DC  B 1 9  ? 10.432  11.047  3.179   1.00 27.38 ? 209 DC  B P     1 
ATOM   410 O OP1   . DC  B 1 9  ? 9.046   11.537  2.987   1.00 28.99 ? 209 DC  B OP1   1 
ATOM   411 O OP2   . DC  B 1 9  ? 10.845  10.541  4.509   1.00 27.49 ? 209 DC  B OP2   1 
ATOM   412 O "O5'" . DC  B 1 9  ? 10.734  9.897   2.117   1.00 26.05 ? 209 DC  B "O5'" 1 
ATOM   413 C "C5'" . DC  B 1 9  ? 10.338  8.537   2.346   1.00 25.20 ? 209 DC  B "C5'" 1 
ATOM   414 C "C4'" . DC  B 1 9  ? 10.160  7.822   1.024   1.00 23.63 ? 209 DC  B "C4'" 1 
ATOM   415 O "O4'" . DC  B 1 9  ? 8.999   8.380   0.346   1.00 25.88 ? 209 DC  B "O4'" 1 
ATOM   416 C "C3'" . DC  B 1 9  ? 11.326  7.948   0.046   1.00 23.85 ? 209 DC  B "C3'" 1 
ATOM   417 O "O3'" . DC  B 1 9  ? 11.430  6.773   -0.751  1.00 23.90 ? 209 DC  B "O3'" 1 
ATOM   418 C "C2'" . DC  B 1 9  ? 10.896  9.122   -0.828  1.00 23.49 ? 209 DC  B "C2'" 1 
ATOM   419 C "C1'" . DC  B 1 9  ? 9.387   8.896   -0.910  1.00 23.03 ? 209 DC  B "C1'" 1 
ATOM   420 N N1    . DC  B 1 9  ? 8.601   10.112  -1.174  1.00 23.23 ? 209 DC  B N1    1 
ATOM   421 C C2    . DC  B 1 9  ? 8.341   10.462  -2.500  1.00 20.23 ? 209 DC  B C2    1 
ATOM   422 O O2    . DC  B 1 9  ? 8.778   9.735   -3.405  1.00 20.80 ? 209 DC  B O2    1 
ATOM   423 N N3    . DC  B 1 9  ? 7.621   11.578  -2.762  1.00 22.25 ? 209 DC  B N3    1 
ATOM   424 C C4    . DC  B 1 9  ? 7.167   12.330  -1.756  1.00 23.30 ? 209 DC  B C4    1 
ATOM   425 N N4    . DC  B 1 9  ? 6.471   13.428  -2.059  1.00 23.24 ? 209 DC  B N4    1 
ATOM   426 C C5    . DC  B 1 9  ? 7.412   11.991  -0.393  1.00 22.88 ? 209 DC  B C5    1 
ATOM   427 C C6    . DC  B 1 9  ? 8.129   10.885  -0.150  1.00 23.03 ? 209 DC  B C6    1 
ATOM   428 P P     . DG  B 1 10 ? 12.483  5.626   -0.352  1.00 26.49 ? 210 DG  B P     1 
ATOM   429 O OP1   . DG  B 1 10 ? 13.621  6.288   0.333   1.00 27.88 ? 210 DG  B OP1   1 
ATOM   430 O OP2   . DG  B 1 10 ? 12.732  4.777   -1.545  1.00 25.07 ? 210 DG  B OP2   1 
ATOM   431 O "O5'" . DG  B 1 10 ? 11.719  4.752   0.739   1.00 27.10 ? 210 DG  B "O5'" 1 
ATOM   432 C "C5'" . DG  B 1 10 ? 10.598  3.931   0.376   1.00 25.43 ? 210 DG  B "C5'" 1 
ATOM   433 C "C4'" . DG  B 1 10 ? 9.882   3.453   1.615   1.00 23.34 ? 210 DG  B "C4'" 1 
ATOM   434 O "O4'" . DG  B 1 10 ? 9.659   4.571   2.501   1.00 23.22 ? 210 DG  B "O4'" 1 
ATOM   435 C "C3'" . DG  B 1 10 ? 8.504   2.868   1.358   1.00 23.90 ? 210 DG  B "C3'" 1 
ATOM   436 O "O3'" . DG  B 1 10 ? 8.672   1.481   1.087   1.00 24.09 ? 210 DG  B "O3'" 1 
ATOM   437 C "C2'" . DG  B 1 10 ? 7.783   3.097   2.686   1.00 24.74 ? 210 DG  B "C2'" 1 
ATOM   438 C "C1'" . DG  B 1 10 ? 8.450   4.379   3.203   1.00 23.86 ? 210 DG  B "C1'" 1 
ATOM   439 N N9    . DG  B 1 10 ? 7.689   5.624   3.171   1.00 24.07 ? 210 DG  B N9    1 
ATOM   440 C C8    . DG  B 1 10 ? 7.411   6.430   4.247   1.00 23.43 ? 210 DG  B C8    1 
ATOM   441 N N7    . DG  B 1 10 ? 6.766   7.517   3.924   1.00 24.38 ? 210 DG  B N7    1 
ATOM   442 C C5    . DG  B 1 10 ? 6.595   7.420   2.550   1.00 23.58 ? 210 DG  B C5    1 
ATOM   443 C C6    . DG  B 1 10 ? 5.980   8.315   1.640   1.00 23.27 ? 210 DG  B C6    1 
ATOM   444 O O6    . DG  B 1 10 ? 5.448   9.411   1.876   1.00 23.55 ? 210 DG  B O6    1 
ATOM   445 N N1    . DG  B 1 10 ? 6.029   7.833   0.335   1.00 22.41 ? 210 DG  B N1    1 
ATOM   446 C C2    . DG  B 1 10 ? 6.602   6.645   -0.047  1.00 21.90 ? 210 DG  B C2    1 
ATOM   447 N N2    . DG  B 1 10 ? 6.557   6.367   -1.357  1.00 21.33 ? 210 DG  B N2    1 
ATOM   448 N N3    . DG  B 1 10 ? 7.181   5.796   0.793   1.00 23.88 ? 210 DG  B N3    1 
ATOM   449 C C4    . DG  B 1 10 ? 7.144   6.249   2.069   1.00 23.68 ? 210 DG  B C4    1 
ATOM   450 P P     . DC  B 1 11 ? 8.150   0.865   -0.292  1.00 26.61 ? 211 DC  B P     1 
ATOM   451 O OP1   . DC  B 1 11 ? 8.413   -0.595  -0.254  1.00 29.08 ? 211 DC  B OP1   1 
ATOM   452 O OP2   . DC  B 1 11 ? 8.700   1.679   -1.408  1.00 27.59 ? 211 DC  B OP2   1 
ATOM   453 O "O5'" . DC  B 1 11 ? 6.577   1.108   -0.216  1.00 26.76 ? 211 DC  B "O5'" 1 
ATOM   454 C "C5'" . DC  B 1 11 ? 5.656   0.136   -0.716  1.00 23.99 ? 211 DC  B "C5'" 1 
ATOM   455 C "C4'" . DC  B 1 11 ? 4.605   0.813   -1.557  1.00 24.04 ? 211 DC  B "C4'" 1 
ATOM   456 O "O4'" . DC  B 1 11 ? 3.804   1.685   -0.712  1.00 20.65 ? 211 DC  B "O4'" 1 
ATOM   457 C "C3'" . DC  B 1 11 ? 5.148   1.694   -2.679  1.00 24.84 ? 211 DC  B "C3'" 1 
ATOM   458 O "O3'" . DC  B 1 11 ? 4.292   1.610   -3.808  1.00 32.40 ? 211 DC  B "O3'" 1 
ATOM   459 C "C2'" . DC  B 1 11 ? 5.057   3.094   -2.081  1.00 25.61 ? 211 DC  B "C2'" 1 
ATOM   460 C "C1'" . DC  B 1 11 ? 3.765   2.977   -1.279  1.00 19.78 ? 211 DC  B "C1'" 1 
ATOM   461 N N1    . DC  B 1 11 ? 3.612   3.970   -0.205  1.00 19.98 ? 211 DC  B N1    1 
ATOM   462 C C2    . DC  B 1 11 ? 3.024   5.201   -0.509  1.00 18.27 ? 211 DC  B C2    1 
ATOM   463 O O2    . DC  B 1 11 ? 2.664   5.425   -1.676  1.00 16.65 ? 211 DC  B O2    1 
ATOM   464 N N3    . DC  B 1 11 ? 2.861   6.115   0.469   1.00 18.22 ? 211 DC  B N3    1 
ATOM   465 C C4    . DC  B 1 11 ? 3.266   5.844   1.712   1.00 20.77 ? 211 DC  B C4    1 
ATOM   466 N N4    . DC  B 1 11 ? 3.085   6.782   2.645   1.00 19.39 ? 211 DC  B N4    1 
ATOM   467 C C5    . DC  B 1 11 ? 3.874   4.602   2.050   1.00 19.77 ? 211 DC  B C5    1 
ATOM   468 C C6    . DC  B 1 11 ? 4.026   3.700   1.069   1.00 19.30 ? 211 DC  B C6    1 
ATOM   469 P P     . DG  B 1 12 ? 4.657   0.603   -5.003  1.00 32.24 ? 212 DG  B P     1 
ATOM   470 O OP1   . DG  B 1 12 ? 6.085   0.795   -5.363  1.00 35.26 ? 212 DG  B OP1   1 
ATOM   471 O OP2   . DG  B 1 12 ? 3.609   0.766   -6.036  1.00 36.13 ? 212 DG  B OP2   1 
ATOM   472 O "O5'" . DG  B 1 12 ? 4.500   -0.841  -4.343  1.00 30.14 ? 212 DG  B "O5'" 1 
ATOM   473 C "C5'" . DG  B 1 12 ? 3.212   -1.484  -4.258  1.00 25.82 ? 212 DG  B "C5'" 1 
ATOM   474 C "C4'" . DG  B 1 12 ? 3.362   -2.867  -3.663  1.00 24.93 ? 212 DG  B "C4'" 1 
ATOM   475 O "O4'" . DG  B 1 12 ? 3.852   -2.736  -2.298  1.00 21.99 ? 212 DG  B "O4'" 1 
ATOM   476 C "C3'" . DG  B 1 12 ? 2.075   -3.681  -3.564  1.00 25.67 ? 212 DG  B "C3'" 1 
ATOM   477 O "O3'" . DG  B 1 12 ? 2.419   -5.079  -3.574  1.00 28.72 ? 212 DG  B "O3'" 1 
ATOM   478 C "C2'" . DG  B 1 12 ? 1.577   -3.342  -2.164  1.00 24.82 ? 212 DG  B "C2'" 1 
ATOM   479 C "C1'" . DG  B 1 12 ? 2.895   -3.260  -1.393  1.00 21.91 ? 212 DG  B "C1'" 1 
ATOM   480 N N9    . DG  B 1 12 ? 2.856   -2.393  -0.214  1.00 18.78 ? 212 DG  B N9    1 
ATOM   481 C C8    . DG  B 1 12 ? 3.434   -2.646  1.006   1.00 18.88 ? 212 DG  B C8    1 
ATOM   482 N N7    . DG  B 1 12 ? 3.257   -1.683  1.869   1.00 17.69 ? 212 DG  B N7    1 
ATOM   483 C C5    . DG  B 1 12 ? 2.510   -0.735  1.182   1.00 17.59 ? 212 DG  B C5    1 
ATOM   484 C C6    . DG  B 1 12 ? 2.018   0.531   1.605   1.00 18.10 ? 212 DG  B C6    1 
ATOM   485 O O6    . DG  B 1 12 ? 2.151   1.082   2.703   1.00 18.73 ? 212 DG  B O6    1 
ATOM   486 N N1    . DG  B 1 12 ? 1.309   1.171   0.594   1.00 16.97 ? 212 DG  B N1    1 
ATOM   487 C C2    . DG  B 1 12 ? 1.104   0.667   -0.664  1.00 17.27 ? 212 DG  B C2    1 
ATOM   488 N N2    . DG  B 1 12 ? 0.402   1.453   -1.508  1.00 16.59 ? 212 DG  B N2    1 
ATOM   489 N N3    . DG  B 1 12 ? 1.556   -0.515  -1.073  1.00 14.88 ? 212 DG  B N3    1 
ATOM   490 C C4    . DG  B 1 12 ? 2.247   -1.156  -0.104  1.00 18.78 ? 212 DG  B C4    1 
HETATM 491 O O     . HOH C 2 .  ? -10.978 -9.577  0.788   1.00 45.55 ? 201 HOH A O     1 
HETATM 492 O O     . HOH C 2 .  ? -2.409  3.260   5.339   1.00 21.03 ? 202 HOH A O     1 
HETATM 493 O O     . HOH C 2 .  ? -13.280 -8.520  6.379   0.50 40.86 ? 203 HOH A O     1 
HETATM 494 O O     . HOH C 2 .  ? -5.062  -16.034 9.859   0.50 39.71 ? 204 HOH A O     1 
HETATM 495 O O     . HOH C 2 .  ? -15.653 -9.501  2.897   0.50 37.64 ? 205 HOH A O     1 
HETATM 496 O O     . HOH C 2 .  ? -0.076  -4.350  8.443   1.00 22.47 ? 206 HOH A O     1 
HETATM 497 O O     . HOH C 2 .  ? -11.846 -13.005 2.943   1.00 20.46 ? 207 HOH A O     1 
HETATM 498 O O     . HOH C 2 .  ? -2.196  -2.935  -2.958  1.00 20.95 ? 208 HOH A O     1 
HETATM 499 O O     . HOH C 2 .  ? 2.575   -3.879  7.290   0.50 36.84 ? 209 HOH A O     1 
HETATM 500 O O     . HOH C 2 .  ? -1.715  -5.651  -1.150  1.00 20.04 ? 210 HOH A O     1 
HETATM 501 O O     . HOH C 2 .  ? -10.986 -8.237  4.486   1.00 33.59 ? 211 HOH A O     1 
HETATM 502 O O     . HOH C 2 .  ? -8.419  -4.369  3.429   1.00 20.65 ? 212 HOH A O     1 
HETATM 503 O O     . HOH C 2 .  ? -3.809  -15.281 2.914   1.00 27.13 ? 213 HOH A O     1 
HETATM 504 O O     . HOH C 2 .  ? -2.136  -0.394  6.267   1.00 20.95 ? 214 HOH A O     1 
HETATM 505 O O     . HOH C 2 .  ? -19.029 -15.017 9.851   1.00 27.24 ? 215 HOH A O     1 
HETATM 506 O O     . HOH C 2 .  ? -2.011  -8.438  -1.810  1.00 18.54 ? 216 HOH A O     1 
HETATM 507 O O     . HOH C 2 .  ? -5.228  -6.792  0.326   1.00 25.39 ? 217 HOH A O     1 
HETATM 508 O O     . HOH C 2 .  ? -1.233  -4.796  -4.276  1.00 35.47 ? 218 HOH A O     1 
HETATM 509 O O     . HOH C 2 .  ? -17.293 -8.161  -2.124  0.50 37.01 ? 219 HOH A O     1 
HETATM 510 O O     . HOH C 2 .  ? 2.294   -7.909  6.028   1.00 20.11 ? 220 HOH A O     1 
HETATM 511 O O     . HOH C 2 .  ? -8.474  -7.283  1.525   0.50 20.11 ? 221 HOH A O     1 
HETATM 512 O O     . HOH C 2 .  ? -7.241  -6.253  -1.320  1.00 20.32 ? 222 HOH A O     1 
HETATM 513 O O     . HOH C 2 .  ? -20.460 -17.657 5.737   1.00 20.32 ? 223 HOH A O     1 
HETATM 514 O O     . HOH C 2 .  ? 4.092   -12.415 6.799   0.50 20.32 ? 224 HOH A O     1 
HETATM 515 O O     . HOH C 2 .  ? 2.141   -9.685  7.746   1.00 20.32 ? 225 HOH A O     1 
HETATM 516 O O     . HOH C 2 .  ? -13.753 -12.014 14.270  1.00 20.32 ? 226 HOH A O     1 
HETATM 517 O O     . HOH C 2 .  ? -0.864  -1.763  8.150   1.00 20.32 ? 227 HOH A O     1 
HETATM 518 O O     . HOH C 2 .  ? 1.107   0.700   6.047   1.00 20.32 ? 228 HOH A O     1 
HETATM 519 O O     . HOH C 2 .  ? -19.276 -12.570 10.968  0.50 27.92 ? 229 HOH A O     1 
HETATM 520 O O     . HOH D 2 .  ? 5.401   15.170  -0.176  0.50 22.21 ? 301 HOH B O     1 
HETATM 521 O O     . HOH D 2 .  ? 4.616   9.986   5.012   0.50 45.87 ? 302 HOH B O     1 
HETATM 522 O O     . HOH D 2 .  ? 3.360   11.740  3.687   0.50 36.35 ? 303 HOH B O     1 
HETATM 523 O O     . HOH D 2 .  ? 12.811  17.725  -1.023  1.00 20.95 ? 304 HOH B O     1 
HETATM 524 O O     . HOH D 2 .  ? 4.706   1.985   3.462   1.00 35.83 ? 305 HOH B O     1 
HETATM 525 O O     . HOH D 2 .  ? 14.213  4.393   -5.525  1.00 19.99 ? 306 HOH B O     1 
HETATM 526 O O     . HOH D 2 .  ? 6.069   5.994   -5.622  0.50 47.11 ? 307 HOH B O     1 
HETATM 527 O O     . HOH D 2 .  ? -0.015  9.151   3.893   0.50 11.99 ? 308 HOH B O     1 
HETATM 528 O O     . HOH D 2 .  ? -0.145  4.484   -3.516  1.00 23.13 ? 309 HOH B O     1 
HETATM 529 O O     . HOH D 2 .  ? 4.709   -2.172  4.176   0.50 20.32 ? 310 HOH B O     1 
HETATM 530 O O     . HOH D 2 .  ? 8.294   4.118   -2.468  1.00 20.55 ? 311 HOH B O     1 
HETATM 531 O O     . HOH D 2 .  ? 3.734   6.467   5.772   1.00 30.54 ? 312 HOH B O     1 
HETATM 532 O O     . HOH D 2 .  ? 10.693  7.949   -4.452  1.00 27.92 ? 313 HOH B O     1 
HETATM 533 O O     . HOH D 2 .  ? 18.113  9.121   3.373   1.00 37.70 ? 314 HOH B O     1 
HETATM 534 O O     . HOH D 2 .  ? 10.145  11.916  -7.588  1.00 17.92 ? 315 HOH B O     1 
HETATM 535 O O     . HOH D 2 .  ? 8.162   17.935  -15.746 0.50 16.01 ? 316 HOH B O     1 
HETATM 536 O O     . HOH D 2 .  ? 0.003   6.992   -5.042  1.00 16.25 ? 317 HOH B O     1 
HETATM 537 O O     . HOH D 2 .  ? 15.517  13.364  -14.328 1.00 23.45 ? 318 HOH B O     1 
HETATM 538 O O     . HOH D 2 .  ? 13.577  8.307   -4.290  1.00 26.15 ? 319 HOH B O     1 
HETATM 539 O O     . HOH D 2 .  ? 3.776   17.740  -11.759 1.00 26.29 ? 320 HOH B O     1 
HETATM 540 O O     . HOH D 2 .  ? 1.351   14.067  -10.158 1.00 32.91 ? 321 HOH B O     1 
HETATM 541 O O     . HOH D 2 .  ? 3.581   5.456   -4.450  1.00 28.03 ? 322 HOH B O     1 
HETATM 542 O O     . HOH D 2 .  ? 19.665  14.806  -6.207  1.00 31.38 ? 323 HOH B O     1 
HETATM 543 O O     . HOH D 2 .  ? 20.724  13.231  -4.223  1.00 33.94 ? 324 HOH B O     1 
HETATM 544 O O     . HOH D 2 .  ? 6.730   -1.141  2.984   0.50 35.89 ? 325 HOH B O     1 
HETATM 545 O O     . HOH D 2 .  ? -0.367  0.769   -4.120  1.00 20.95 ? 326 HOH B O     1 
HETATM 546 O O     . HOH D 2 .  ? 11.702  9.915   -7.692  0.50 20.11 ? 327 HOH B O     1 
HETATM 547 O O     . HOH D 2 .  ? 2.608   16.259  -9.877  0.50 20.11 ? 328 HOH B O     1 
HETATM 548 O O     . HOH D 2 .  ? 3.181   14.643  -4.396  0.50 20.11 ? 329 HOH B O     1 
HETATM 549 O O     . HOH D 2 .  ? 18.459  16.280  -11.542 0.50 20.11 ? 330 HOH B O     1 
HETATM 550 O O     . HOH D 2 .  ? 3.662   11.239  7.801   1.00 20.11 ? 331 HOH B O     1 
HETATM 551 O O     . HOH D 2 .  ? 17.335  8.724   -14.422 1.00 20.32 ? 332 HOH B O     1 
HETATM 552 O O     . HOH D 2 .  ? -0.120  6.578   -7.609  1.00 20.32 ? 333 HOH B O     1 
HETATM 553 O O     . HOH D 2 .  ? 5.852   18.303  -0.158  1.00 20.32 ? 334 HOH B O     1 
# 
